data_6YU6
#
_entry.id   6YU6
#
_cell.length_a   44.230
_cell.length_b   215.560
_cell.length_c   50.170
_cell.angle_alpha   90.000
_cell.angle_beta   90.050
_cell.angle_gamma   90.000
#
_symmetry.space_group_name_H-M   'P 1 21 1'
#
loop_
_entity.id
_entity.type
_entity.pdbx_description
1 polymer 'Sodium-dependent transporter'
2 non-polymer 'SODIUM ION'
3 non-polymer LEUCINE
4 non-polymer DODECYL-BETA-D-MALTOSIDE
5 non-polymer 'octyl 1-thio-beta-D-glucopyranoside'
6 water water
#
_entity_poly.entity_id   1
_entity_poly.type   'polypeptide(L)'
_entity_poly.pdbx_seq_one_letter_code
;SMASLKQQTGREQWASRLGFILAAMGSAVGLGNIWRFSYVTGENGGAAFLLVYLGFIALIGIPIVLAEFTIGRRAQSDAV
GSFEKLAPGKPWKVAGLMGVAAGFLILSFYGVIAGWILFYLFNYITGQLWSAPAEGFGGFFEGFIANPTLPLFWQALFMI
ATIWIVAIGVKKGIERSNKILMPLLGVLLIALAIYSLTLGGAKEGLAFLFSPDWSALKDPGVYLAAISQAFFTLSLGMGA
LITYGSYVSKDSRLPGAAVSVAGLDTAFAIIAGIMIFPAVFALGLSPSGGPGLVFVVLPDIFDSIRLGPIVGIAFFILLG
AAALSSAVSLLEVPVAYFMRKFDWSRKQAAITLGVIITLLGIPSSLSFGVLGEVTIIPGLNIFDSVDFIASSVFLPLGGM
IIALFIGWGWKTSDALAESDLTDSVWGKLWILSLRFIAPIAILIVFLSAFQIFFN
;
_entity_poly.pdbx_strand_id   A,B
#
# COMPACT_ATOMS: atom_id res chain seq x y z
N GLY A 10 -4.64 -2.64 -44.17
CA GLY A 10 -6.08 -2.66 -44.08
C GLY A 10 -6.57 -3.49 -42.92
N ARG A 11 -6.54 -2.91 -41.72
CA ARG A 11 -6.88 -3.61 -40.50
C ARG A 11 -8.31 -3.29 -40.08
N GLU A 12 -8.96 -4.28 -39.49
CA GLU A 12 -10.36 -4.14 -39.09
C GLU A 12 -10.50 -3.20 -37.89
N GLN A 13 -11.68 -2.61 -37.77
CA GLN A 13 -12.07 -1.86 -36.58
C GLN A 13 -13.56 -2.05 -36.37
N TRP A 14 -14.00 -1.90 -35.12
CA TRP A 14 -15.43 -1.99 -34.82
C TRP A 14 -16.18 -0.95 -35.65
N ALA A 15 -17.16 -1.40 -36.42
CA ALA A 15 -17.89 -0.51 -37.31
C ALA A 15 -18.72 0.50 -36.53
N SER A 16 -19.61 0.01 -35.67
CA SER A 16 -20.50 0.91 -34.94
C SER A 16 -19.75 1.55 -33.77
N ARG A 17 -20.38 2.56 -33.18
CA ARG A 17 -19.78 3.28 -32.07
C ARG A 17 -19.96 2.53 -30.76
N LEU A 18 -21.15 1.98 -30.52
CA LEU A 18 -21.42 1.22 -29.30
C LEU A 18 -20.88 -0.20 -29.34
N GLY A 19 -20.37 -0.65 -30.50
CA GLY A 19 -20.02 -2.05 -30.64
C GLY A 19 -18.88 -2.49 -29.75
N PHE A 20 -17.96 -1.57 -29.42
CA PHE A 20 -16.80 -1.95 -28.61
C PHE A 20 -17.20 -2.28 -27.18
N ILE A 21 -17.98 -1.41 -26.54
CA ILE A 21 -18.33 -1.65 -25.14
C ILE A 21 -19.26 -2.87 -25.02
N LEU A 22 -20.12 -3.09 -26.01
CA LEU A 22 -20.97 -4.27 -25.98
C LEU A 22 -20.15 -5.54 -26.16
N ALA A 23 -19.14 -5.50 -27.03
CA ALA A 23 -18.28 -6.66 -27.25
C ALA A 23 -17.47 -6.97 -26.00
N ALA A 24 -16.92 -5.93 -25.35
CA ALA A 24 -16.20 -6.15 -24.10
C ALA A 24 -17.13 -6.68 -23.01
N MET A 25 -18.33 -6.10 -22.90
CA MET A 25 -19.31 -6.64 -21.97
C MET A 25 -19.72 -8.05 -22.36
N GLY A 26 -19.95 -8.28 -23.65
CA GLY A 26 -20.24 -9.63 -24.12
C GLY A 26 -19.09 -10.59 -23.85
N SER A 27 -17.87 -10.09 -23.78
CA SER A 27 -16.74 -10.92 -23.41
C SER A 27 -16.73 -11.21 -21.91
N ALA A 28 -17.06 -10.21 -21.10
CA ALA A 28 -16.95 -10.36 -19.65
C ALA A 28 -18.10 -11.17 -19.07
N VAL A 29 -19.32 -10.95 -19.57
CA VAL A 29 -20.50 -11.58 -19.00
C VAL A 29 -20.70 -12.94 -19.64
N GLY A 30 -20.38 -14.00 -18.90
CA GLY A 30 -20.50 -15.35 -19.40
C GLY A 30 -20.66 -16.38 -18.32
N LEU A 31 -19.97 -17.52 -18.47
CA LEU A 31 -20.14 -18.61 -17.51
C LEU A 31 -19.41 -18.36 -16.20
N GLY A 32 -18.42 -17.47 -16.19
CA GLY A 32 -17.69 -17.19 -14.97
C GLY A 32 -18.52 -16.46 -13.92
N ASN A 33 -19.63 -15.84 -14.31
CA ASN A 33 -20.44 -15.08 -13.38
C ASN A 33 -21.40 -15.96 -12.59
N ILE A 34 -21.91 -17.04 -13.20
CA ILE A 34 -22.93 -17.88 -12.58
C ILE A 34 -22.35 -19.25 -12.22
N TRP A 35 -21.78 -19.95 -13.19
CA TRP A 35 -21.25 -21.29 -12.92
C TRP A 35 -20.04 -21.23 -12.01
N ARG A 36 -18.98 -20.54 -12.44
CA ARG A 36 -17.74 -20.57 -11.68
C ARG A 36 -17.85 -19.76 -10.41
N PHE A 37 -18.49 -18.59 -10.47
CA PHE A 37 -18.59 -17.74 -9.28
C PHE A 37 -19.37 -18.42 -8.17
N SER A 38 -20.36 -19.25 -8.51
CA SER A 38 -21.18 -19.87 -7.48
C SER A 38 -20.39 -20.91 -6.69
N TYR A 39 -19.67 -21.79 -7.38
CA TYR A 39 -18.99 -22.86 -6.69
C TYR A 39 -17.63 -22.46 -6.16
N VAL A 40 -16.97 -21.46 -6.75
CA VAL A 40 -15.74 -20.95 -6.16
C VAL A 40 -16.05 -20.20 -4.88
N THR A 41 -17.13 -19.42 -4.87
CA THR A 41 -17.54 -18.73 -3.64
C THR A 41 -18.08 -19.72 -2.63
N GLY A 42 -18.78 -20.75 -3.09
CA GLY A 42 -19.37 -21.72 -2.17
C GLY A 42 -18.33 -22.49 -1.37
N GLU A 43 -17.24 -22.89 -2.03
CA GLU A 43 -16.19 -23.65 -1.37
C GLU A 43 -15.08 -22.77 -0.80
N ASN A 44 -15.26 -21.45 -0.81
CA ASN A 44 -14.29 -20.53 -0.23
C ASN A 44 -14.84 -19.75 0.95
N GLY A 45 -16.03 -20.09 1.44
CA GLY A 45 -16.56 -19.52 2.66
C GLY A 45 -17.68 -18.52 2.44
N GLY A 46 -17.85 -18.00 1.23
CA GLY A 46 -18.95 -17.11 0.95
C GLY A 46 -18.65 -15.64 1.13
N ALA A 47 -19.04 -15.08 2.27
CA ALA A 47 -19.01 -13.63 2.44
C ALA A 47 -17.58 -13.10 2.57
N ALA A 48 -16.73 -13.78 3.34
CA ALA A 48 -15.35 -13.34 3.49
C ALA A 48 -14.62 -13.36 2.15
N PHE A 49 -14.75 -14.47 1.41
CA PHE A 49 -14.21 -14.55 0.06
C PHE A 49 -14.78 -13.46 -0.85
N LEU A 50 -16.05 -13.11 -0.66
CA LEU A 50 -16.69 -12.12 -1.51
C LEU A 50 -16.05 -10.74 -1.34
N LEU A 51 -15.90 -10.29 -0.09
CA LEU A 51 -15.34 -8.96 0.15
C LEU A 51 -13.92 -8.86 -0.36
N VAL A 52 -13.11 -9.91 -0.18
CA VAL A 52 -11.77 -9.92 -0.74
C VAL A 52 -11.83 -9.90 -2.26
N TYR A 53 -12.74 -10.70 -2.84
CA TYR A 53 -12.92 -10.69 -4.29
C TYR A 53 -13.38 -9.32 -4.78
N LEU A 54 -14.33 -8.70 -4.06
CA LEU A 54 -14.79 -7.38 -4.44
C LEU A 54 -13.67 -6.35 -4.36
N GLY A 55 -12.87 -6.41 -3.29
CA GLY A 55 -11.77 -5.47 -3.17
C GLY A 55 -10.71 -5.65 -4.23
N PHE A 56 -10.54 -6.87 -4.73
CA PHE A 56 -9.59 -7.10 -5.82
C PHE A 56 -10.08 -6.50 -7.12
N ILE A 57 -11.39 -6.56 -7.37
CA ILE A 57 -11.96 -6.02 -8.61
C ILE A 57 -11.73 -4.52 -8.69
N ALA A 58 -12.01 -3.81 -7.60
CA ALA A 58 -11.89 -2.36 -7.61
C ALA A 58 -10.44 -1.92 -7.65
N LEU A 59 -9.60 -2.52 -6.81
CA LEU A 59 -8.20 -2.10 -6.71
C LEU A 59 -7.38 -2.56 -7.91
N ILE A 60 -7.62 -3.78 -8.40
CA ILE A 60 -6.76 -4.39 -9.39
C ILE A 60 -7.50 -4.63 -10.71
N GLY A 61 -8.76 -5.06 -10.64
CA GLY A 61 -9.47 -5.41 -11.87
C GLY A 61 -9.74 -4.21 -12.76
N ILE A 62 -10.24 -3.11 -12.17
CA ILE A 62 -10.52 -1.90 -12.95
C ILE A 62 -9.26 -1.36 -13.63
N PRO A 63 -8.13 -1.20 -12.95
CA PRO A 63 -6.94 -0.67 -13.66
C PRO A 63 -6.45 -1.57 -14.77
N ILE A 64 -6.51 -2.89 -14.59
CA ILE A 64 -5.99 -3.80 -15.61
C ILE A 64 -6.92 -3.83 -16.82
N VAL A 65 -8.23 -3.77 -16.58
CA VAL A 65 -9.17 -3.65 -17.70
C VAL A 65 -8.86 -2.40 -18.52
N LEU A 66 -8.63 -1.29 -17.85
CA LEU A 66 -8.22 -0.07 -18.54
C LEU A 66 -6.85 -0.25 -19.19
N ALA A 67 -5.93 -0.92 -18.50
CA ALA A 67 -4.59 -1.11 -19.04
C ALA A 67 -4.61 -1.97 -20.29
N GLU A 68 -5.44 -3.02 -20.32
CA GLU A 68 -5.53 -3.85 -21.51
C GLU A 68 -6.20 -3.10 -22.65
N PHE A 69 -7.22 -2.28 -22.34
CA PHE A 69 -7.82 -1.43 -23.36
C PHE A 69 -6.80 -0.47 -23.94
N THR A 70 -5.91 0.08 -23.10
CA THR A 70 -4.97 1.09 -23.56
C THR A 70 -3.92 0.50 -24.49
N ILE A 71 -3.44 -0.71 -24.18
CA ILE A 71 -2.39 -1.33 -24.97
C ILE A 71 -2.89 -1.62 -26.39
N GLY A 72 -4.07 -2.21 -26.50
CA GLY A 72 -4.58 -2.61 -27.81
C GLY A 72 -4.94 -1.42 -28.68
N ARG A 73 -5.57 -0.39 -28.10
CA ARG A 73 -5.99 0.75 -28.90
C ARG A 73 -4.80 1.56 -29.39
N ARG A 74 -3.75 1.66 -28.57
CA ARG A 74 -2.57 2.40 -28.99
C ARG A 74 -1.81 1.67 -30.08
N ALA A 75 -1.63 0.35 -29.92
CA ALA A 75 -0.80 -0.40 -30.85
C ALA A 75 -1.58 -0.84 -32.08
N GLN A 76 -2.88 -1.07 -31.95
CA GLN A 76 -3.72 -1.55 -33.05
C GLN A 76 -3.16 -2.85 -33.64
N SER A 77 -2.88 -3.80 -32.76
CA SER A 77 -2.35 -5.10 -33.17
C SER A 77 -2.93 -6.17 -32.26
N ASP A 78 -2.48 -7.41 -32.45
CA ASP A 78 -2.97 -8.54 -31.67
C ASP A 78 -2.40 -8.52 -30.25
N ALA A 79 -2.47 -9.66 -29.55
CA ALA A 79 -2.02 -9.71 -28.17
C ALA A 79 -0.51 -9.58 -28.08
N VAL A 80 0.23 -10.36 -28.87
CA VAL A 80 1.68 -10.33 -28.79
C VAL A 80 2.24 -9.12 -29.53
N GLY A 81 1.69 -8.81 -30.72
CA GLY A 81 2.21 -7.72 -31.52
C GLY A 81 2.00 -6.35 -30.93
N SER A 82 1.08 -6.22 -29.98
CA SER A 82 0.91 -4.93 -29.30
C SER A 82 2.12 -4.61 -28.42
N PHE A 83 2.78 -5.64 -27.89
CA PHE A 83 3.98 -5.42 -27.09
C PHE A 83 5.22 -5.23 -27.96
N GLU A 84 5.24 -5.84 -29.15
CA GLU A 84 6.37 -5.65 -30.06
C GLU A 84 6.40 -4.26 -30.65
N LYS A 85 5.22 -3.64 -30.83
CA LYS A 85 5.16 -2.31 -31.43
C LYS A 85 5.39 -1.22 -30.38
N LEU A 86 4.79 -1.35 -29.20
CA LEU A 86 4.91 -0.33 -28.18
C LEU A 86 6.26 -0.37 -27.48
N ALA A 87 6.88 -1.55 -27.39
CA ALA A 87 8.18 -1.70 -26.74
C ALA A 87 8.98 -2.77 -27.50
N PRO A 88 9.57 -2.40 -28.63
CA PRO A 88 10.30 -3.39 -29.43
C PRO A 88 11.58 -3.82 -28.72
N GLY A 89 11.87 -5.12 -28.83
CA GLY A 89 13.08 -5.67 -28.23
C GLY A 89 13.06 -5.69 -26.71
N LYS A 90 11.89 -5.81 -26.10
CA LYS A 90 11.78 -5.84 -24.66
C LYS A 90 11.07 -7.11 -24.20
N PRO A 91 11.39 -7.62 -23.01
CA PRO A 91 10.75 -8.83 -22.51
C PRO A 91 9.34 -8.64 -21.97
N TRP A 92 8.73 -7.47 -22.18
CA TRP A 92 7.35 -7.28 -21.73
C TRP A 92 6.37 -8.17 -22.46
N LYS A 93 6.73 -8.67 -23.64
CA LYS A 93 5.82 -9.45 -24.46
C LYS A 93 5.46 -10.80 -23.86
N VAL A 94 6.13 -11.23 -22.78
CA VAL A 94 5.80 -12.51 -22.18
C VAL A 94 4.36 -12.53 -21.69
N ALA A 95 3.86 -11.38 -21.23
CA ALA A 95 2.46 -11.30 -20.82
C ALA A 95 1.53 -11.58 -21.99
N GLY A 96 1.92 -11.14 -23.19
CA GLY A 96 1.14 -11.46 -24.36
C GLY A 96 1.22 -12.92 -24.74
N LEU A 97 2.38 -13.55 -24.51
CA LEU A 97 2.52 -14.98 -24.79
C LEU A 97 1.71 -15.81 -23.80
N MET A 98 1.80 -15.49 -22.51
CA MET A 98 1.03 -16.22 -21.51
C MET A 98 -0.46 -16.04 -21.74
N GLY A 99 -0.89 -14.84 -22.11
CA GLY A 99 -2.30 -14.62 -22.38
C GLY A 99 -2.82 -15.45 -23.55
N VAL A 100 -2.01 -15.57 -24.60
CA VAL A 100 -2.39 -16.43 -25.72
C VAL A 100 -2.50 -17.88 -25.26
N ALA A 101 -1.55 -18.33 -24.44
CA ALA A 101 -1.62 -19.69 -23.90
C ALA A 101 -2.81 -19.85 -22.97
N ALA A 102 -3.08 -18.85 -22.13
CA ALA A 102 -4.18 -18.95 -21.17
C ALA A 102 -5.53 -19.03 -21.89
N GLY A 103 -5.70 -18.24 -22.96
CA GLY A 103 -6.91 -18.35 -23.76
C GLY A 103 -7.06 -19.73 -24.40
N PHE A 104 -5.94 -20.30 -24.83
CA PHE A 104 -5.95 -21.66 -25.36
C PHE A 104 -6.41 -22.65 -24.30
N LEU A 105 -5.86 -22.53 -23.09
CA LEU A 105 -6.23 -23.45 -22.01
C LEU A 105 -7.66 -23.24 -21.55
N ILE A 106 -8.05 -21.98 -21.38
CA ILE A 106 -9.37 -21.68 -20.80
C ILE A 106 -10.48 -22.05 -21.77
N LEU A 107 -10.30 -21.74 -23.06
CA LEU A 107 -11.33 -22.07 -24.04
C LEU A 107 -11.55 -23.58 -24.13
N SER A 108 -10.52 -24.38 -23.86
CA SER A 108 -10.63 -25.83 -24.02
C SER A 108 -11.69 -26.41 -23.09
N PHE A 109 -11.67 -26.02 -21.81
CA PHE A 109 -12.67 -26.50 -20.88
C PHE A 109 -13.89 -25.58 -20.79
N TYR A 110 -13.78 -24.33 -21.27
CA TYR A 110 -14.94 -23.46 -21.31
C TYR A 110 -16.03 -24.03 -22.21
N GLY A 111 -15.65 -24.56 -23.37
CA GLY A 111 -16.62 -25.15 -24.26
C GLY A 111 -17.26 -26.40 -23.70
N VAL A 112 -16.56 -27.09 -22.79
CA VAL A 112 -17.12 -28.27 -22.14
C VAL A 112 -18.31 -27.87 -21.27
N ILE A 113 -18.12 -26.89 -20.39
CA ILE A 113 -19.21 -26.39 -19.57
C ILE A 113 -20.30 -25.81 -20.45
N ALA A 114 -19.90 -25.12 -21.52
CA ALA A 114 -20.88 -24.63 -22.49
C ALA A 114 -21.57 -25.76 -23.23
N GLY A 115 -20.96 -26.95 -23.26
CA GLY A 115 -21.66 -28.12 -23.76
C GLY A 115 -22.69 -28.66 -22.80
N TRP A 116 -22.44 -28.51 -21.50
CA TRP A 116 -23.44 -28.91 -20.51
C TRP A 116 -24.71 -28.07 -20.66
N ILE A 117 -24.56 -26.79 -20.99
CA ILE A 117 -25.71 -25.89 -21.12
C ILE A 117 -26.58 -26.31 -22.30
N LEU A 118 -25.96 -26.54 -23.46
CA LEU A 118 -26.72 -26.96 -24.63
C LEU A 118 -27.41 -28.30 -24.40
N PHE A 119 -26.80 -29.17 -23.60
CA PHE A 119 -27.43 -30.45 -23.30
C PHE A 119 -28.68 -30.27 -22.43
N TYR A 120 -28.59 -29.40 -21.43
CA TYR A 120 -29.76 -29.11 -20.60
C TYR A 120 -30.82 -28.36 -21.38
N LEU A 121 -30.40 -27.43 -22.25
CA LEU A 121 -31.34 -26.76 -23.13
C LEU A 121 -32.07 -27.75 -24.03
N PHE A 122 -31.35 -28.76 -24.52
CA PHE A 122 -31.97 -29.80 -25.33
C PHE A 122 -33.02 -30.56 -24.54
N ASN A 123 -32.72 -30.89 -23.29
CA ASN A 123 -33.64 -31.69 -22.49
C ASN A 123 -34.93 -30.93 -22.20
N TYR A 124 -34.82 -29.65 -21.83
CA TYR A 124 -36.02 -28.84 -21.64
C TYR A 124 -36.79 -28.70 -22.94
N ILE A 125 -36.08 -28.54 -24.06
CA ILE A 125 -36.76 -28.41 -25.36
C ILE A 125 -37.43 -29.72 -25.76
N THR A 126 -36.86 -30.85 -25.35
CA THR A 126 -37.45 -32.16 -25.62
C THR A 126 -38.29 -32.68 -24.46
N GLY A 127 -38.66 -31.80 -23.52
CA GLY A 127 -39.51 -32.19 -22.42
C GLY A 127 -38.91 -33.17 -21.44
N GLN A 128 -37.60 -33.40 -21.50
CA GLN A 128 -36.96 -34.38 -20.62
C GLN A 128 -36.92 -33.88 -19.18
N LEU A 129 -36.26 -32.75 -18.95
CA LEU A 129 -35.98 -32.25 -17.61
C LEU A 129 -37.13 -31.45 -17.02
N TRP A 130 -38.33 -31.55 -17.58
CA TRP A 130 -39.46 -30.80 -17.04
C TRP A 130 -39.79 -31.24 -15.63
N SER A 131 -40.12 -32.51 -15.45
CA SER A 131 -40.29 -33.10 -14.14
C SER A 131 -39.01 -33.81 -13.72
N ALA A 132 -38.93 -34.16 -12.45
CA ALA A 132 -37.69 -34.70 -11.89
C ALA A 132 -37.50 -36.15 -12.36
N PRO A 133 -36.32 -36.51 -12.87
CA PRO A 133 -36.05 -37.91 -13.19
C PRO A 133 -35.89 -38.73 -11.92
N ALA A 134 -36.12 -40.04 -12.08
CA ALA A 134 -36.07 -40.93 -10.92
C ALA A 134 -34.70 -40.94 -10.25
N GLU A 135 -33.64 -40.77 -11.05
CA GLU A 135 -32.30 -40.72 -10.47
C GLU A 135 -32.01 -39.40 -9.76
N GLY A 136 -32.91 -38.44 -9.83
CA GLY A 136 -32.68 -37.14 -9.25
C GLY A 136 -31.84 -36.24 -10.16
N PHE A 137 -31.93 -34.94 -9.91
CA PHE A 137 -31.20 -33.98 -10.72
C PHE A 137 -29.69 -34.09 -10.50
N GLY A 138 -29.28 -34.51 -9.30
CA GLY A 138 -27.87 -34.79 -9.08
C GLY A 138 -27.41 -36.02 -9.84
N GLY A 139 -28.16 -37.12 -9.72
CA GLY A 139 -27.81 -38.33 -10.44
C GLY A 139 -27.90 -38.15 -11.95
N PHE A 140 -28.86 -37.34 -12.40
CA PHE A 140 -28.96 -37.05 -13.83
C PHE A 140 -27.76 -36.24 -14.30
N PHE A 141 -27.30 -35.30 -13.47
CA PHE A 141 -26.12 -34.51 -13.82
C PHE A 141 -24.86 -35.36 -13.73
N GLU A 142 -24.67 -36.05 -12.60
CA GLU A 142 -23.50 -36.91 -12.42
C GLU A 142 -23.42 -37.96 -13.52
N GLY A 143 -24.57 -38.57 -13.86
CA GLY A 143 -24.57 -39.59 -14.90
C GLY A 143 -24.32 -39.03 -16.28
N PHE A 144 -24.66 -37.76 -16.51
CA PHE A 144 -24.42 -37.16 -17.82
C PHE A 144 -22.96 -36.75 -17.99
N ILE A 145 -22.37 -36.13 -16.97
CA ILE A 145 -20.97 -35.72 -17.08
C ILE A 145 -20.06 -36.95 -17.07
N ALA A 146 -20.48 -38.03 -16.42
CA ALA A 146 -19.68 -39.24 -16.40
C ALA A 146 -19.70 -39.96 -17.76
N ASN A 147 -20.72 -39.73 -18.57
CA ASN A 147 -20.77 -40.30 -19.90
C ASN A 147 -19.63 -39.70 -20.73
N PRO A 148 -18.82 -40.53 -21.40
CA PRO A 148 -17.69 -39.97 -22.16
C PRO A 148 -18.10 -39.28 -23.44
N THR A 149 -19.04 -39.85 -24.19
CA THR A 149 -19.28 -39.39 -25.55
C THR A 149 -20.17 -38.15 -25.60
N LEU A 150 -21.26 -38.14 -24.82
CA LEU A 150 -22.27 -37.10 -24.97
C LEU A 150 -21.73 -35.69 -24.74
N PRO A 151 -20.99 -35.39 -23.67
CA PRO A 151 -20.47 -34.01 -23.52
C PRO A 151 -19.51 -33.62 -24.62
N LEU A 152 -18.75 -34.57 -25.17
CA LEU A 152 -17.90 -34.26 -26.32
C LEU A 152 -18.76 -33.81 -27.50
N PHE A 153 -19.89 -34.46 -27.72
CA PHE A 153 -20.79 -34.05 -28.79
C PHE A 153 -21.35 -32.67 -28.53
N TRP A 154 -21.72 -32.38 -27.28
CA TRP A 154 -22.28 -31.07 -26.96
C TRP A 154 -21.21 -30.00 -26.88
N GLN A 155 -19.97 -30.39 -26.55
CA GLN A 155 -18.86 -29.43 -26.65
C GLN A 155 -18.58 -29.08 -28.10
N ALA A 156 -18.73 -30.06 -29.01
CA ALA A 156 -18.41 -29.82 -30.42
C ALA A 156 -19.37 -28.82 -31.03
N LEU A 157 -20.67 -28.98 -30.79
CA LEU A 157 -21.66 -28.07 -31.37
C LEU A 157 -21.39 -26.63 -30.94
N PHE A 158 -21.04 -26.42 -29.67
CA PHE A 158 -20.77 -25.06 -29.20
C PHE A 158 -19.53 -24.49 -29.87
N MET A 159 -18.47 -25.27 -29.98
CA MET A 159 -17.26 -24.78 -30.64
C MET A 159 -17.51 -24.44 -32.10
N ILE A 160 -18.38 -25.22 -32.76
CA ILE A 160 -18.71 -24.93 -34.15
C ILE A 160 -19.35 -23.54 -34.27
N ALA A 161 -20.33 -23.25 -33.41
CA ALA A 161 -20.92 -21.92 -33.39
C ALA A 161 -19.87 -20.88 -33.02
N THR A 162 -18.99 -21.19 -32.07
CA THR A 162 -17.90 -20.28 -31.74
C THR A 162 -16.96 -20.09 -32.93
N ILE A 163 -16.63 -21.19 -33.61
CA ILE A 163 -15.80 -21.10 -34.81
C ILE A 163 -16.52 -20.31 -35.89
N TRP A 164 -17.81 -20.56 -36.06
CA TRP A 164 -18.58 -19.89 -37.11
C TRP A 164 -18.54 -18.38 -36.95
N ILE A 165 -18.66 -17.89 -35.71
CA ILE A 165 -18.75 -16.46 -35.49
C ILE A 165 -17.40 -15.79 -35.72
N VAL A 166 -16.34 -16.36 -35.16
CA VAL A 166 -15.01 -15.76 -35.32
C VAL A 166 -14.53 -15.84 -36.76
N ALA A 167 -14.97 -16.88 -37.50
CA ALA A 167 -14.57 -16.99 -38.89
C ALA A 167 -15.29 -15.96 -39.77
N ILE A 168 -16.49 -15.54 -39.37
CA ILE A 168 -17.23 -14.56 -40.16
C ILE A 168 -16.54 -13.21 -40.13
N GLY A 169 -16.00 -12.82 -38.97
CA GLY A 169 -15.22 -11.61 -38.87
C GLY A 169 -15.54 -10.77 -37.64
N VAL A 170 -14.77 -9.71 -37.44
CA VAL A 170 -15.01 -8.82 -36.32
C VAL A 170 -16.28 -8.00 -36.55
N LYS A 171 -16.46 -7.49 -37.76
CA LYS A 171 -17.58 -6.59 -38.04
C LYS A 171 -18.88 -7.36 -38.26
N LYS A 172 -18.83 -8.42 -39.06
CA LYS A 172 -20.06 -9.13 -39.42
C LYS A 172 -20.50 -10.14 -38.37
N GLY A 173 -19.60 -10.57 -37.49
CA GLY A 173 -19.94 -11.58 -36.50
C GLY A 173 -19.98 -11.07 -35.08
N ILE A 174 -18.81 -10.76 -34.53
CA ILE A 174 -18.72 -10.31 -33.14
C ILE A 174 -19.49 -9.01 -32.95
N GLU A 175 -19.28 -8.06 -33.88
CA GLU A 175 -19.96 -6.77 -33.78
C GLU A 175 -21.47 -6.93 -33.89
N ARG A 176 -21.93 -7.81 -34.77
CA ARG A 176 -23.36 -8.01 -35.01
C ARG A 176 -23.85 -9.10 -34.07
N SER A 177 -24.29 -8.68 -32.88
CA SER A 177 -24.83 -9.60 -31.88
C SER A 177 -26.08 -8.98 -31.28
N ASN A 178 -26.93 -9.84 -30.72
CA ASN A 178 -28.21 -9.40 -30.18
C ASN A 178 -27.99 -8.61 -28.90
N LYS A 179 -28.36 -7.32 -28.94
CA LYS A 179 -28.24 -6.48 -27.75
C LYS A 179 -29.17 -6.94 -26.63
N ILE A 180 -30.29 -7.58 -26.98
CA ILE A 180 -31.36 -7.82 -26.00
C ILE A 180 -30.99 -8.94 -25.04
N LEU A 181 -30.16 -9.90 -25.47
CA LEU A 181 -30.01 -11.14 -24.73
C LEU A 181 -29.35 -10.91 -23.37
N MET A 182 -28.34 -10.03 -23.30
CA MET A 182 -27.67 -9.81 -22.01
C MET A 182 -28.59 -9.10 -21.03
N PRO A 183 -29.34 -8.05 -21.39
CA PRO A 183 -30.35 -7.54 -20.44
C PRO A 183 -31.44 -8.54 -20.14
N LEU A 184 -31.88 -9.31 -21.14
CA LEU A 184 -32.86 -10.37 -20.89
C LEU A 184 -32.32 -11.35 -19.84
N LEU A 185 -31.05 -11.73 -19.96
CA LEU A 185 -30.43 -12.56 -18.92
C LEU A 185 -30.46 -11.85 -17.58
N GLY A 186 -30.10 -10.56 -17.55
CA GLY A 186 -30.13 -9.81 -16.30
C GLY A 186 -31.53 -9.72 -15.72
N VAL A 187 -32.52 -9.45 -16.56
CA VAL A 187 -33.91 -9.44 -16.09
C VAL A 187 -34.31 -10.80 -15.56
N LEU A 188 -33.85 -11.87 -16.22
CA LEU A 188 -34.17 -13.22 -15.77
C LEU A 188 -33.47 -13.57 -14.46
N LEU A 189 -32.26 -13.04 -14.25
CA LEU A 189 -31.55 -13.31 -13.00
C LEU A 189 -32.22 -12.59 -11.84
N ILE A 190 -32.63 -11.34 -12.04
CA ILE A 190 -33.27 -10.59 -10.97
C ILE A 190 -34.59 -11.24 -10.58
N ALA A 191 -35.38 -11.65 -11.57
CA ALA A 191 -36.64 -12.33 -11.28
C ALA A 191 -36.38 -13.65 -10.56
N LEU A 192 -35.35 -14.38 -10.97
CA LEU A 192 -35.01 -15.62 -10.27
C LEU A 192 -34.47 -15.36 -8.88
N ALA A 193 -33.75 -14.25 -8.69
CA ALA A 193 -33.26 -13.91 -7.35
C ALA A 193 -34.40 -13.59 -6.41
N ILE A 194 -35.42 -12.89 -6.90
CA ILE A 194 -36.58 -12.57 -6.07
C ILE A 194 -37.29 -13.85 -5.63
N TYR A 195 -37.46 -14.80 -6.56
CA TYR A 195 -38.17 -16.03 -6.23
C TYR A 195 -37.39 -16.90 -5.25
N SER A 196 -36.05 -16.84 -5.29
CA SER A 196 -35.26 -17.69 -4.41
C SER A 196 -35.35 -17.25 -2.96
N LEU A 197 -35.54 -15.95 -2.72
CA LEU A 197 -35.65 -15.45 -1.36
C LEU A 197 -36.88 -16.00 -0.64
N THR A 198 -37.91 -16.41 -1.38
CA THR A 198 -39.16 -16.88 -0.79
C THR A 198 -39.15 -18.37 -0.48
N LEU A 199 -38.06 -19.07 -0.80
CA LEU A 199 -38.06 -20.53 -0.72
C LEU A 199 -37.83 -21.07 0.69
N GLY A 200 -37.32 -20.25 1.60
CA GLY A 200 -37.12 -20.65 2.98
C GLY A 200 -35.67 -20.66 3.44
N GLY A 201 -34.72 -20.72 2.51
CA GLY A 201 -33.31 -20.70 2.85
C GLY A 201 -32.63 -19.36 2.67
N ALA A 202 -33.40 -18.28 2.50
CA ALA A 202 -32.80 -16.97 2.28
C ALA A 202 -31.91 -16.56 3.46
N LYS A 203 -32.44 -16.65 4.67
CA LYS A 203 -31.66 -16.29 5.86
C LYS A 203 -30.38 -17.10 5.95
N GLU A 204 -30.47 -18.41 5.72
CA GLU A 204 -29.28 -19.25 5.74
C GLU A 204 -28.30 -18.86 4.64
N GLY A 205 -28.82 -18.54 3.46
CA GLY A 205 -27.99 -18.15 2.34
C GLY A 205 -27.45 -16.74 2.44
N LEU A 206 -28.30 -15.79 2.84
CA LEU A 206 -27.84 -14.42 2.99
C LEU A 206 -26.80 -14.29 4.09
N ALA A 207 -26.88 -15.13 5.12
CA ALA A 207 -25.83 -15.15 6.13
C ALA A 207 -24.54 -15.71 5.56
N PHE A 208 -24.63 -16.83 4.84
CA PHE A 208 -23.45 -17.42 4.21
C PHE A 208 -22.84 -16.47 3.20
N LEU A 209 -23.67 -15.74 2.46
CA LEU A 209 -23.21 -14.90 1.36
C LEU A 209 -22.78 -13.51 1.80
N PHE A 210 -23.40 -12.95 2.84
CA PHE A 210 -23.15 -11.56 3.21
C PHE A 210 -22.67 -11.35 4.65
N SER A 211 -22.61 -12.41 5.48
CA SER A 211 -22.09 -12.24 6.83
C SER A 211 -20.66 -12.77 6.86
N PRO A 212 -19.65 -11.90 6.85
CA PRO A 212 -18.27 -12.38 6.80
C PRO A 212 -17.91 -13.26 7.98
N ASP A 213 -17.28 -14.38 7.67
CA ASP A 213 -16.64 -15.24 8.67
C ASP A 213 -15.16 -15.25 8.33
N TRP A 214 -14.39 -14.44 9.05
CA TRP A 214 -12.95 -14.31 8.79
C TRP A 214 -12.16 -15.56 9.16
N SER A 215 -12.82 -16.58 9.72
CA SER A 215 -12.11 -17.81 10.07
C SER A 215 -11.54 -18.49 8.83
N ALA A 216 -12.25 -18.43 7.71
CA ALA A 216 -11.78 -19.01 6.46
C ALA A 216 -10.73 -18.14 5.77
N LEU A 217 -10.41 -16.97 6.31
CA LEU A 217 -9.45 -16.08 5.71
C LEU A 217 -8.00 -16.42 6.08
N LYS A 218 -7.80 -17.26 7.09
CA LYS A 218 -6.44 -17.61 7.51
C LYS A 218 -5.69 -18.37 6.42
N ASP A 219 -6.40 -19.10 5.58
CA ASP A 219 -5.78 -19.82 4.48
C ASP A 219 -5.45 -18.86 3.35
N PRO A 220 -4.18 -18.68 2.98
CA PRO A 220 -3.85 -17.77 1.87
C PRO A 220 -4.38 -18.25 0.53
N GLY A 221 -4.98 -19.44 0.45
CA GLY A 221 -5.52 -19.91 -0.81
C GLY A 221 -6.81 -19.24 -1.22
N VAL A 222 -7.52 -18.65 -0.27
CA VAL A 222 -8.77 -17.97 -0.62
C VAL A 222 -8.48 -16.64 -1.33
N TYR A 223 -7.35 -16.01 -1.06
CA TYR A 223 -6.94 -14.84 -1.83
C TYR A 223 -6.62 -15.23 -3.26
N LEU A 224 -5.82 -16.29 -3.44
CA LEU A 224 -5.50 -16.79 -4.77
C LEU A 224 -6.78 -17.16 -5.53
N ALA A 225 -7.71 -17.85 -4.86
CA ALA A 225 -8.98 -18.16 -5.49
C ALA A 225 -9.80 -16.90 -5.76
N ALA A 226 -9.60 -15.85 -4.97
CA ALA A 226 -10.30 -14.60 -5.19
C ALA A 226 -9.72 -13.85 -6.38
N ILE A 227 -8.40 -13.73 -6.44
CA ILE A 227 -7.78 -13.05 -7.56
C ILE A 227 -7.98 -13.86 -8.84
N SER A 228 -8.16 -15.18 -8.72
CA SER A 228 -8.41 -16.01 -9.89
C SER A 228 -9.80 -15.74 -10.45
N GLN A 229 -10.82 -15.77 -9.59
CA GLN A 229 -12.17 -15.45 -10.04
C GLN A 229 -12.27 -14.00 -10.48
N ALA A 230 -11.50 -13.11 -9.86
CA ALA A 230 -11.52 -11.70 -10.25
C ALA A 230 -11.05 -11.52 -11.69
N PHE A 231 -9.92 -12.14 -12.04
CA PHE A 231 -9.40 -12.00 -13.39
C PHE A 231 -10.18 -12.83 -14.40
N PHE A 232 -10.72 -13.98 -13.97
CA PHE A 232 -11.49 -14.82 -14.88
C PHE A 232 -12.78 -14.13 -15.32
N THR A 233 -13.52 -13.58 -14.36
CA THR A 233 -14.79 -12.96 -14.69
C THR A 233 -14.62 -11.67 -15.50
N LEU A 234 -13.44 -11.04 -15.44
CA LEU A 234 -13.17 -9.80 -16.14
C LEU A 234 -12.50 -10.02 -17.50
N SER A 235 -12.23 -11.27 -17.87
CA SER A 235 -11.54 -11.60 -19.12
C SER A 235 -10.15 -10.98 -19.17
N LEU A 236 -9.48 -10.88 -18.01
CA LEU A 236 -8.15 -10.31 -17.91
C LEU A 236 -7.09 -11.41 -17.97
N GLY A 237 -5.90 -11.04 -18.40
CA GLY A 237 -4.78 -11.96 -18.48
C GLY A 237 -4.87 -13.01 -19.57
N MET A 238 -5.86 -12.92 -20.46
CA MET A 238 -6.03 -13.86 -21.55
C MET A 238 -6.00 -13.18 -22.91
N GLY A 239 -5.49 -11.96 -22.97
CA GLY A 239 -5.37 -11.23 -24.22
C GLY A 239 -6.67 -10.82 -24.86
N ALA A 240 -7.79 -10.91 -24.13
CA ALA A 240 -9.09 -10.60 -24.72
C ALA A 240 -9.30 -9.09 -24.85
N LEU A 241 -9.11 -8.35 -23.76
CA LEU A 241 -9.41 -6.92 -23.78
C LEU A 241 -8.37 -6.15 -24.59
N ILE A 242 -7.13 -6.63 -24.66
CA ILE A 242 -6.15 -6.02 -25.55
C ILE A 242 -6.60 -6.17 -27.00
N THR A 243 -7.17 -7.34 -27.33
CA THR A 243 -7.61 -7.58 -28.70
C THR A 243 -8.87 -6.79 -29.02
N TYR A 244 -9.86 -6.82 -28.12
CA TYR A 244 -11.07 -6.02 -28.33
C TYR A 244 -10.75 -4.53 -28.29
N GLY A 245 -9.71 -4.13 -27.55
CA GLY A 245 -9.23 -2.77 -27.63
C GLY A 245 -8.48 -2.44 -28.90
N SER A 246 -7.97 -3.46 -29.60
CA SER A 246 -7.18 -3.21 -30.80
C SER A 246 -8.05 -2.66 -31.92
N TYR A 247 -9.27 -3.16 -32.08
CA TYR A 247 -10.16 -2.73 -33.14
C TYR A 247 -10.90 -1.43 -32.81
N VAL A 248 -10.37 -0.62 -31.89
CA VAL A 248 -11.04 0.59 -31.41
C VAL A 248 -10.49 1.80 -32.15
N SER A 249 -11.38 2.70 -32.53
CA SER A 249 -11.01 3.91 -33.24
C SER A 249 -10.16 4.83 -32.34
N LYS A 250 -9.65 5.89 -32.95
CA LYS A 250 -8.73 6.78 -32.24
C LYS A 250 -9.41 7.51 -31.09
N ASP A 251 -10.63 7.99 -31.31
CA ASP A 251 -11.38 8.71 -30.29
C ASP A 251 -12.43 7.78 -29.68
N SER A 252 -12.31 7.54 -28.38
CA SER A 252 -13.24 6.71 -27.62
C SER A 252 -12.91 6.83 -26.14
N ARG A 253 -13.93 6.69 -25.31
CA ARG A 253 -13.81 6.87 -23.87
C ARG A 253 -13.47 5.52 -23.24
N LEU A 254 -12.20 5.33 -22.88
CA LEU A 254 -11.71 4.07 -22.33
C LEU A 254 -12.02 3.91 -20.84
N PRO A 255 -11.79 4.93 -19.99
CA PRO A 255 -12.03 4.71 -18.54
C PRO A 255 -13.44 4.30 -18.21
N GLY A 256 -14.44 5.01 -18.73
CA GLY A 256 -15.82 4.65 -18.46
C GLY A 256 -16.19 3.28 -18.99
N ALA A 257 -15.54 2.85 -20.07
CA ALA A 257 -15.76 1.49 -20.55
C ALA A 257 -15.26 0.48 -19.54
N ALA A 258 -14.13 0.77 -18.89
CA ALA A 258 -13.59 -0.14 -17.88
C ALA A 258 -14.54 -0.26 -16.69
N VAL A 259 -15.05 0.87 -16.20
CA VAL A 259 -15.95 0.83 -15.05
C VAL A 259 -17.29 0.23 -15.45
N SER A 260 -17.75 0.48 -16.68
CA SER A 260 -19.00 -0.13 -17.13
C SER A 260 -18.87 -1.64 -17.27
N VAL A 261 -17.73 -2.11 -17.76
CA VAL A 261 -17.53 -3.55 -17.92
C VAL A 261 -17.57 -4.24 -16.57
N ALA A 262 -16.76 -3.78 -15.61
CA ALA A 262 -16.71 -4.43 -14.31
C ALA A 262 -17.96 -4.15 -13.49
N GLY A 263 -18.45 -2.91 -13.53
CA GLY A 263 -19.65 -2.58 -12.77
C GLY A 263 -20.85 -3.41 -13.18
N LEU A 264 -21.09 -3.52 -14.50
CA LEU A 264 -22.16 -4.38 -14.97
C LEU A 264 -21.87 -5.84 -14.65
N ASP A 265 -20.62 -6.26 -14.83
CA ASP A 265 -20.26 -7.66 -14.57
C ASP A 265 -20.45 -8.01 -13.11
N THR A 266 -19.94 -7.17 -12.20
CA THR A 266 -20.12 -7.40 -10.77
C THR A 266 -21.60 -7.43 -10.39
N ALA A 267 -22.42 -6.61 -11.05
CA ALA A 267 -23.85 -6.66 -10.82
C ALA A 267 -24.42 -8.02 -11.23
N PHE A 268 -23.93 -8.57 -12.35
CA PHE A 268 -24.41 -9.89 -12.78
C PHE A 268 -23.93 -11.00 -11.87
N ALA A 269 -22.79 -10.81 -11.20
CA ALA A 269 -22.28 -11.84 -10.30
C ALA A 269 -23.00 -11.82 -8.96
N ILE A 270 -23.29 -10.62 -8.43
CA ILE A 270 -23.95 -10.51 -7.13
C ILE A 270 -25.35 -11.12 -7.18
N ILE A 271 -26.09 -10.86 -8.26
CA ILE A 271 -27.43 -11.42 -8.40
C ILE A 271 -27.38 -12.93 -8.53
N ALA A 272 -26.32 -13.47 -9.16
CA ALA A 272 -26.18 -14.91 -9.26
C ALA A 272 -25.97 -15.57 -7.89
N GLY A 273 -25.42 -14.82 -6.94
CA GLY A 273 -25.29 -15.35 -5.58
C GLY A 273 -26.59 -15.33 -4.81
N ILE A 274 -27.44 -14.34 -5.07
CA ILE A 274 -28.75 -14.30 -4.41
C ILE A 274 -29.70 -15.36 -4.97
N MET A 275 -29.45 -15.83 -6.19
CA MET A 275 -30.29 -16.88 -6.76
C MET A 275 -29.84 -18.26 -6.29
N ILE A 276 -28.53 -18.47 -6.13
CA ILE A 276 -28.00 -19.80 -5.92
C ILE A 276 -28.09 -20.20 -4.44
N PHE A 277 -27.51 -19.38 -3.55
CA PHE A 277 -27.28 -19.84 -2.19
C PHE A 277 -28.57 -19.94 -1.37
N PRO A 278 -29.52 -18.99 -1.45
CA PRO A 278 -30.82 -19.24 -0.84
C PRO A 278 -31.49 -20.49 -1.38
N ALA A 279 -31.31 -20.77 -2.67
CA ALA A 279 -31.83 -22.01 -3.25
C ALA A 279 -31.06 -23.22 -2.77
N VAL A 280 -29.76 -23.07 -2.51
CA VAL A 280 -28.96 -24.19 -2.01
C VAL A 280 -29.45 -24.63 -0.64
N PHE A 281 -29.56 -23.68 0.29
CA PHE A 281 -29.97 -24.03 1.65
C PHE A 281 -31.42 -24.48 1.72
N ALA A 282 -32.26 -24.00 0.79
CA ALA A 282 -33.64 -24.47 0.74
C ALA A 282 -33.69 -25.96 0.42
N LEU A 283 -32.83 -26.42 -0.48
CA LEU A 283 -32.74 -27.84 -0.79
C LEU A 283 -31.92 -28.61 0.23
N GLY A 284 -31.23 -27.93 1.14
CA GLY A 284 -30.38 -28.59 2.10
C GLY A 284 -29.04 -29.03 1.57
N LEU A 285 -28.64 -28.56 0.39
CA LEU A 285 -27.38 -28.97 -0.21
C LEU A 285 -26.21 -28.23 0.44
N SER A 286 -25.01 -28.59 0.03
CA SER A 286 -23.80 -27.93 0.53
C SER A 286 -23.26 -26.97 -0.51
N PRO A 287 -22.90 -25.75 -0.12
CA PRO A 287 -22.40 -24.79 -1.11
C PRO A 287 -21.08 -25.18 -1.73
N SER A 288 -20.32 -26.08 -1.10
CA SER A 288 -19.04 -26.54 -1.63
C SER A 288 -19.16 -27.80 -2.45
N GLY A 289 -20.28 -27.98 -3.16
CA GLY A 289 -20.47 -29.19 -3.95
C GLY A 289 -19.43 -29.33 -5.04
N GLY A 290 -19.23 -28.28 -5.82
CA GLY A 290 -18.24 -28.28 -6.87
C GLY A 290 -18.76 -27.67 -8.17
N PRO A 291 -18.05 -27.95 -9.27
CA PRO A 291 -18.42 -27.33 -10.55
C PRO A 291 -19.88 -27.53 -10.96
N GLY A 292 -20.51 -28.62 -10.56
CA GLY A 292 -21.88 -28.88 -10.96
C GLY A 292 -22.91 -28.34 -10.00
N LEU A 293 -22.54 -27.31 -9.24
CA LEU A 293 -23.46 -26.73 -8.26
C LEU A 293 -24.71 -26.19 -8.93
N VAL A 294 -24.54 -25.29 -9.91
CA VAL A 294 -25.68 -24.67 -10.56
C VAL A 294 -26.44 -25.65 -11.46
N PHE A 295 -25.82 -26.76 -11.84
CA PHE A 295 -26.50 -27.74 -12.69
C PHE A 295 -27.35 -28.71 -11.90
N VAL A 296 -27.16 -28.79 -10.59
CA VAL A 296 -28.03 -29.59 -9.74
C VAL A 296 -29.01 -28.74 -8.93
N VAL A 297 -28.70 -27.47 -8.69
CA VAL A 297 -29.56 -26.61 -7.88
C VAL A 297 -30.65 -25.97 -8.73
N LEU A 298 -30.27 -25.33 -9.83
CA LEU A 298 -31.26 -24.60 -10.63
C LEU A 298 -32.35 -25.49 -11.21
N PRO A 299 -32.07 -26.68 -11.75
CA PRO A 299 -33.19 -27.55 -12.17
C PRO A 299 -34.10 -27.94 -11.02
N ASP A 300 -33.57 -28.08 -9.80
CA ASP A 300 -34.44 -28.26 -8.64
C ASP A 300 -35.38 -27.07 -8.48
N ILE A 301 -34.85 -25.86 -8.68
CA ILE A 301 -35.64 -24.65 -8.47
C ILE A 301 -36.63 -24.44 -9.61
N PHE A 302 -36.23 -24.73 -10.84
CA PHE A 302 -37.16 -24.62 -11.96
C PHE A 302 -38.32 -25.58 -11.81
N ASP A 303 -38.06 -26.78 -11.27
CA ASP A 303 -39.13 -27.76 -11.10
C ASP A 303 -40.13 -27.30 -10.05
N SER A 304 -39.71 -26.48 -9.09
CA SER A 304 -40.65 -25.93 -8.11
C SER A 304 -41.60 -24.93 -8.74
N ILE A 305 -41.27 -24.39 -9.91
CA ILE A 305 -42.11 -23.43 -10.61
C ILE A 305 -43.11 -24.20 -11.47
N ARG A 306 -44.36 -23.71 -11.50
CA ARG A 306 -45.36 -24.32 -12.36
C ARG A 306 -44.99 -24.17 -13.82
N LEU A 307 -44.52 -22.98 -14.22
CA LEU A 307 -44.01 -22.74 -15.56
C LEU A 307 -42.50 -22.91 -15.66
N GLY A 308 -41.91 -23.72 -14.77
CA GLY A 308 -40.47 -23.92 -14.78
C GLY A 308 -39.87 -24.37 -16.08
N PRO A 309 -40.48 -25.33 -16.79
CA PRO A 309 -39.97 -25.68 -18.13
C PRO A 309 -39.78 -24.49 -19.05
N ILE A 310 -40.72 -23.55 -19.06
CA ILE A 310 -40.55 -22.34 -19.85
C ILE A 310 -39.41 -21.49 -19.29
N VAL A 311 -39.29 -21.47 -17.95
CA VAL A 311 -38.19 -20.75 -17.32
C VAL A 311 -36.86 -21.39 -17.67
N GLY A 312 -36.79 -22.72 -17.63
CA GLY A 312 -35.54 -23.40 -17.95
C GLY A 312 -35.12 -23.23 -19.40
N ILE A 313 -36.09 -23.31 -20.31
CA ILE A 313 -35.78 -23.09 -21.73
C ILE A 313 -35.21 -21.69 -21.93
N ALA A 314 -35.87 -20.68 -21.38
CA ALA A 314 -35.39 -19.31 -21.53
C ALA A 314 -34.08 -19.09 -20.80
N PHE A 315 -33.85 -19.79 -19.69
CA PHE A 315 -32.64 -19.57 -18.90
C PHE A 315 -31.41 -20.08 -19.63
N PHE A 316 -31.46 -21.31 -20.13
CA PHE A 316 -30.31 -21.88 -20.82
C PHE A 316 -30.12 -21.31 -22.22
N ILE A 317 -31.08 -20.54 -22.74
CA ILE A 317 -30.89 -19.84 -24.00
C ILE A 317 -30.10 -18.55 -23.77
N LEU A 318 -30.55 -17.73 -22.82
CA LEU A 318 -29.88 -16.47 -22.53
C LEU A 318 -28.48 -16.71 -21.97
N LEU A 319 -28.34 -17.70 -21.10
CA LEU A 319 -27.02 -18.02 -20.55
C LEU A 319 -26.11 -18.61 -21.62
N GLY A 320 -26.65 -19.42 -22.53
CA GLY A 320 -25.83 -19.98 -23.59
C GLY A 320 -25.33 -18.94 -24.56
N ALA A 321 -26.11 -17.89 -24.81
CA ALA A 321 -25.67 -16.82 -25.70
C ALA A 321 -24.56 -16.00 -25.06
N ALA A 322 -24.68 -15.72 -23.76
CA ALA A 322 -23.61 -15.01 -23.07
C ALA A 322 -22.35 -15.85 -22.97
N ALA A 323 -22.50 -17.17 -22.81
CA ALA A 323 -21.34 -18.05 -22.89
C ALA A 323 -20.79 -18.12 -24.31
N LEU A 324 -21.66 -17.96 -25.30
CA LEU A 324 -21.21 -17.93 -26.69
C LEU A 324 -20.35 -16.70 -26.97
N SER A 325 -20.75 -15.54 -26.43
CA SER A 325 -19.99 -14.32 -26.67
C SER A 325 -18.66 -14.31 -25.91
N SER A 326 -18.60 -15.00 -24.77
CA SER A 326 -17.35 -15.04 -24.01
C SER A 326 -16.34 -15.96 -24.68
N ALA A 327 -16.81 -17.10 -25.23
CA ALA A 327 -15.92 -18.00 -25.93
C ALA A 327 -15.46 -17.42 -27.26
N VAL A 328 -16.30 -16.60 -27.90
CA VAL A 328 -15.89 -15.93 -29.14
C VAL A 328 -14.74 -14.98 -28.86
N SER A 329 -14.78 -14.29 -27.72
CA SER A 329 -13.66 -13.44 -27.32
C SER A 329 -12.44 -14.25 -26.93
N LEU A 330 -12.62 -15.51 -26.52
CA LEU A 330 -11.48 -16.38 -26.26
C LEU A 330 -10.82 -16.83 -27.56
N LEU A 331 -11.64 -17.31 -28.52
CA LEU A 331 -11.09 -17.83 -29.76
C LEU A 331 -10.47 -16.72 -30.60
N GLU A 332 -10.91 -15.48 -30.40
CA GLU A 332 -10.45 -14.38 -31.24
C GLU A 332 -8.98 -14.06 -30.99
N VAL A 333 -8.49 -14.31 -29.79
CA VAL A 333 -7.11 -13.97 -29.42
C VAL A 333 -6.14 -14.82 -30.24
N PRO A 334 -6.20 -16.16 -30.22
CA PRO A 334 -5.25 -16.91 -31.04
C PRO A 334 -5.45 -16.72 -32.53
N VAL A 335 -6.69 -16.52 -32.98
CA VAL A 335 -6.94 -16.29 -34.40
C VAL A 335 -6.24 -15.01 -34.85
N ALA A 336 -6.31 -13.96 -34.03
CA ALA A 336 -5.65 -12.71 -34.39
C ALA A 336 -4.14 -12.87 -34.45
N TYR A 337 -3.58 -13.69 -33.55
CA TYR A 337 -2.14 -13.90 -33.53
C TYR A 337 -1.67 -14.68 -34.75
N PHE A 338 -2.32 -15.82 -35.03
CA PHE A 338 -1.93 -16.66 -36.15
C PHE A 338 -2.22 -16.01 -37.50
N MET A 339 -3.09 -14.99 -37.54
CA MET A 339 -3.31 -14.27 -38.78
C MET A 339 -2.14 -13.36 -39.11
N ARG A 340 -1.66 -12.61 -38.12
CA ARG A 340 -0.53 -11.70 -38.36
C ARG A 340 0.77 -12.48 -38.48
N LYS A 341 0.94 -13.52 -37.66
CA LYS A 341 2.21 -14.23 -37.60
C LYS A 341 2.40 -15.16 -38.79
N PHE A 342 1.39 -15.98 -39.10
CA PHE A 342 1.52 -17.03 -40.09
C PHE A 342 0.71 -16.77 -41.35
N ASP A 343 0.19 -15.55 -41.53
CA ASP A 343 -0.58 -15.16 -42.71
C ASP A 343 -1.76 -16.09 -42.98
N TRP A 344 -2.24 -16.79 -41.95
CA TRP A 344 -3.44 -17.60 -42.12
C TRP A 344 -4.64 -16.72 -42.41
N SER A 345 -5.52 -17.20 -43.27
CA SER A 345 -6.79 -16.51 -43.45
C SER A 345 -7.61 -16.63 -42.17
N ARG A 346 -8.53 -15.68 -41.99
CA ARG A 346 -9.36 -15.67 -40.79
C ARG A 346 -10.17 -16.95 -40.67
N LYS A 347 -10.67 -17.47 -41.80
CA LYS A 347 -11.41 -18.73 -41.76
C LYS A 347 -10.50 -19.90 -41.42
N GLN A 348 -9.31 -19.94 -42.03
CA GLN A 348 -8.38 -21.04 -41.76
C GLN A 348 -7.91 -21.02 -40.31
N ALA A 349 -7.55 -19.84 -39.80
CA ALA A 349 -7.10 -19.76 -38.41
C ALA A 349 -8.22 -20.13 -37.44
N ALA A 350 -9.46 -19.76 -37.76
CA ALA A 350 -10.58 -20.04 -36.86
C ALA A 350 -10.86 -21.53 -36.78
N ILE A 351 -10.95 -22.20 -37.93
CA ILE A 351 -11.26 -23.62 -37.94
C ILE A 351 -10.12 -24.44 -37.35
N THR A 352 -8.89 -24.14 -37.75
CA THR A 352 -7.74 -24.91 -37.28
C THR A 352 -7.59 -24.81 -35.76
N LEU A 353 -7.43 -23.59 -35.25
CA LEU A 353 -7.32 -23.41 -33.81
C LEU A 353 -8.58 -23.90 -33.09
N GLY A 354 -9.75 -23.73 -33.71
CA GLY A 354 -10.98 -24.17 -33.07
C GLY A 354 -11.04 -25.66 -32.88
N VAL A 355 -10.72 -26.42 -33.92
CA VAL A 355 -10.69 -27.88 -33.79
C VAL A 355 -9.57 -28.30 -32.83
N ILE A 356 -8.46 -27.56 -32.82
CA ILE A 356 -7.35 -27.91 -31.95
C ILE A 356 -7.72 -27.68 -30.48
N ILE A 357 -8.30 -26.52 -30.18
CA ILE A 357 -8.70 -26.25 -28.80
C ILE A 357 -9.82 -27.19 -28.37
N THR A 358 -10.65 -27.63 -29.31
CA THR A 358 -11.70 -28.59 -28.98
C THR A 358 -11.12 -29.93 -28.56
N LEU A 359 -10.12 -30.42 -29.30
CA LEU A 359 -9.48 -31.68 -28.93
C LEU A 359 -8.72 -31.55 -27.61
N LEU A 360 -8.13 -30.38 -27.34
CA LEU A 360 -7.44 -30.17 -26.08
C LEU A 360 -8.41 -30.17 -24.90
N GLY A 361 -9.67 -29.80 -25.13
CA GLY A 361 -10.66 -29.80 -24.07
C GLY A 361 -11.31 -31.14 -23.80
N ILE A 362 -11.10 -32.11 -24.69
CA ILE A 362 -11.64 -33.45 -24.46
C ILE A 362 -11.04 -34.09 -23.21
N PRO A 363 -9.73 -33.98 -22.94
CA PRO A 363 -9.22 -34.50 -21.65
C PRO A 363 -9.88 -33.87 -20.44
N SER A 364 -10.24 -32.58 -20.50
CA SER A 364 -10.93 -31.95 -19.38
C SER A 364 -12.33 -32.52 -19.20
N SER A 365 -12.99 -32.91 -20.29
CA SER A 365 -14.33 -33.46 -20.19
C SER A 365 -14.33 -34.87 -19.60
N LEU A 366 -13.30 -35.66 -19.90
CA LEU A 366 -13.24 -37.03 -19.39
C LEU A 366 -12.90 -37.09 -17.91
N SER A 367 -12.39 -36.00 -17.33
CA SER A 367 -12.04 -36.00 -15.92
C SER A 367 -13.25 -36.09 -15.01
N PHE A 368 -14.44 -35.78 -15.52
CA PHE A 368 -15.67 -35.95 -14.75
C PHE A 368 -16.22 -37.36 -14.84
N GLY A 369 -15.67 -38.20 -15.71
CA GLY A 369 -16.13 -39.57 -15.85
C GLY A 369 -15.03 -40.59 -15.69
N VAL A 370 -14.46 -41.04 -16.82
CA VAL A 370 -13.47 -42.11 -16.78
C VAL A 370 -12.17 -41.62 -16.16
N LEU A 371 -11.72 -40.42 -16.51
CA LEU A 371 -10.43 -39.91 -16.06
C LEU A 371 -10.49 -39.26 -14.68
N GLY A 372 -11.46 -39.64 -13.85
CA GLY A 372 -11.61 -38.98 -12.56
C GLY A 372 -10.41 -39.15 -11.66
N GLU A 373 -9.82 -40.34 -11.64
CA GLU A 373 -8.71 -40.62 -10.74
C GLU A 373 -7.37 -40.11 -11.25
N VAL A 374 -7.30 -39.60 -12.48
CA VAL A 374 -6.04 -39.13 -13.03
C VAL A 374 -5.81 -37.69 -12.60
N THR A 375 -4.61 -37.41 -12.11
CA THR A 375 -4.24 -36.08 -11.64
C THR A 375 -2.93 -35.65 -12.30
N ILE A 376 -2.82 -34.36 -12.56
CA ILE A 376 -1.57 -33.79 -13.08
C ILE A 376 -0.88 -33.03 -11.95
N ILE A 377 -1.47 -31.90 -11.56
CA ILE A 377 -1.04 -31.24 -10.33
C ILE A 377 -1.45 -32.09 -9.14
N PRO A 378 -0.59 -32.31 -8.16
CA PRO A 378 -0.92 -33.21 -7.04
C PRO A 378 -2.26 -32.88 -6.41
N GLY A 379 -3.14 -33.88 -6.35
CA GLY A 379 -4.45 -33.74 -5.76
C GLY A 379 -5.51 -33.13 -6.65
N LEU A 380 -5.16 -32.66 -7.84
CA LEU A 380 -6.11 -32.02 -8.74
C LEU A 380 -6.17 -32.78 -10.06
N ASN A 381 -7.38 -33.10 -10.50
CA ASN A 381 -7.58 -33.88 -11.71
C ASN A 381 -7.21 -33.03 -12.94
N ILE A 382 -7.54 -33.55 -14.13
CA ILE A 382 -7.17 -32.87 -15.36
C ILE A 382 -7.88 -31.53 -15.47
N PHE A 383 -9.18 -31.50 -15.18
CA PHE A 383 -9.94 -30.26 -15.28
C PHE A 383 -9.45 -29.23 -14.28
N ASP A 384 -9.29 -29.65 -13.01
CA ASP A 384 -8.85 -28.72 -11.97
C ASP A 384 -7.42 -28.24 -12.22
N SER A 385 -6.61 -29.03 -12.92
CA SER A 385 -5.22 -28.65 -13.16
C SER A 385 -5.09 -27.70 -14.34
N VAL A 386 -5.87 -27.92 -15.40
CA VAL A 386 -5.86 -26.98 -16.52
C VAL A 386 -6.42 -25.63 -16.07
N ASP A 387 -7.47 -25.65 -15.25
CA ASP A 387 -8.03 -24.40 -14.72
C ASP A 387 -7.04 -23.70 -13.80
N PHE A 388 -6.41 -24.44 -12.88
CA PHE A 388 -5.51 -23.83 -11.92
C PHE A 388 -4.32 -23.17 -12.61
N ILE A 389 -3.74 -23.85 -13.61
CA ILE A 389 -2.59 -23.29 -14.30
C ILE A 389 -2.98 -22.02 -15.05
N ALA A 390 -4.11 -22.07 -15.75
CA ALA A 390 -4.56 -20.89 -16.49
C ALA A 390 -5.05 -19.80 -15.55
N SER A 391 -6.04 -20.12 -14.71
CA SER A 391 -6.71 -19.09 -13.91
C SER A 391 -5.84 -18.59 -12.77
N SER A 392 -5.26 -19.51 -12.00
CA SER A 392 -4.56 -19.14 -10.78
C SER A 392 -3.08 -18.85 -10.98
N VAL A 393 -2.51 -19.16 -12.14
CA VAL A 393 -1.08 -18.95 -12.35
C VAL A 393 -0.85 -17.97 -13.49
N PHE A 394 -1.37 -18.28 -14.69
CA PHE A 394 -1.11 -17.44 -15.85
C PHE A 394 -1.80 -16.08 -15.74
N LEU A 395 -3.06 -16.06 -15.29
CA LEU A 395 -3.81 -14.80 -15.27
C LEU A 395 -3.20 -13.76 -14.35
N PRO A 396 -2.92 -14.05 -13.06
CA PRO A 396 -2.34 -13.00 -12.20
C PRO A 396 -0.92 -12.63 -12.61
N LEU A 397 -0.07 -13.64 -12.84
CA LEU A 397 1.30 -13.37 -13.24
C LEU A 397 1.34 -12.64 -14.57
N GLY A 398 0.47 -13.01 -15.51
CA GLY A 398 0.37 -12.28 -16.75
C GLY A 398 -0.20 -10.88 -16.58
N GLY A 399 -1.09 -10.71 -15.61
CA GLY A 399 -1.63 -9.38 -15.33
C GLY A 399 -0.67 -8.49 -14.57
N MET A 400 0.21 -9.09 -13.76
CA MET A 400 1.20 -8.30 -13.03
C MET A 400 2.18 -7.65 -13.98
N ILE A 401 2.59 -8.37 -15.04
CA ILE A 401 3.57 -7.83 -15.99
C ILE A 401 2.94 -6.73 -16.82
N ILE A 402 1.66 -6.87 -17.17
CA ILE A 402 0.96 -5.81 -17.88
C ILE A 402 0.93 -4.53 -17.05
N ALA A 403 0.67 -4.67 -15.75
CA ALA A 403 0.66 -3.49 -14.87
C ALA A 403 2.03 -2.86 -14.78
N LEU A 404 3.06 -3.68 -14.58
CA LEU A 404 4.43 -3.15 -14.58
C LEU A 404 4.79 -2.55 -15.94
N PHE A 405 4.18 -3.05 -17.02
CA PHE A 405 4.49 -2.55 -18.35
C PHE A 405 4.03 -1.10 -18.51
N ILE A 406 2.82 -0.79 -18.06
CA ILE A 406 2.35 0.58 -18.15
C ILE A 406 2.97 1.44 -17.06
N GLY A 407 3.17 0.87 -15.87
CA GLY A 407 3.69 1.64 -14.76
C GLY A 407 5.17 1.97 -14.85
N TRP A 408 5.94 1.15 -15.56
CA TRP A 408 7.39 1.33 -15.63
C TRP A 408 7.96 1.18 -17.02
N GLY A 409 7.13 0.94 -18.04
CA GLY A 409 7.62 0.84 -19.40
C GLY A 409 7.15 1.99 -20.26
N TRP A 410 6.22 2.79 -19.74
CA TRP A 410 5.72 3.98 -20.41
C TRP A 410 6.11 5.22 -19.62
N LYS A 411 6.22 6.34 -20.32
CA LYS A 411 6.23 7.62 -19.63
C LYS A 411 4.80 7.99 -19.26
N THR A 412 4.66 8.68 -18.14
CA THR A 412 3.33 8.90 -17.57
C THR A 412 2.41 9.62 -18.54
N SER A 413 2.93 10.62 -19.27
CA SER A 413 2.09 11.36 -20.20
C SER A 413 1.50 10.43 -21.26
N ASP A 414 2.25 9.42 -21.68
CA ASP A 414 1.72 8.46 -22.66
C ASP A 414 0.57 7.66 -22.07
N ALA A 415 0.73 7.18 -20.83
CA ALA A 415 -0.32 6.40 -20.20
C ALA A 415 -1.58 7.22 -20.01
N LEU A 416 -1.45 8.41 -19.41
CA LEU A 416 -2.62 9.23 -19.14
C LEU A 416 -3.28 9.70 -20.43
N ALA A 417 -2.49 9.97 -21.47
CA ALA A 417 -3.07 10.42 -22.73
C ALA A 417 -3.87 9.31 -23.39
N GLU A 418 -3.24 8.14 -23.58
CA GLU A 418 -3.93 7.04 -24.24
C GLU A 418 -5.09 6.51 -23.41
N SER A 419 -5.04 6.68 -22.09
CA SER A 419 -6.13 6.29 -21.22
C SER A 419 -7.17 7.38 -21.02
N ASP A 420 -6.95 8.57 -21.59
CA ASP A 420 -7.86 9.70 -21.44
C ASP A 420 -8.03 10.10 -19.97
N LEU A 421 -7.00 9.88 -19.17
CA LEU A 421 -7.02 10.25 -17.76
C LEU A 421 -6.05 11.40 -17.46
N THR A 422 -5.74 12.22 -18.46
CA THR A 422 -4.79 13.30 -18.25
C THR A 422 -5.32 14.34 -17.27
N ASP A 423 -6.56 14.78 -17.47
CA ASP A 423 -7.10 15.88 -16.69
C ASP A 423 -8.13 15.42 -15.67
N SER A 424 -7.75 14.45 -14.83
CA SER A 424 -8.66 13.93 -13.81
C SER A 424 -7.85 13.36 -12.67
N VAL A 425 -8.50 13.30 -11.49
CA VAL A 425 -7.86 12.70 -10.33
C VAL A 425 -7.72 11.20 -10.49
N TRP A 426 -8.59 10.58 -11.29
CA TRP A 426 -8.56 9.13 -11.45
C TRP A 426 -7.26 8.67 -12.11
N GLY A 427 -6.64 9.52 -12.93
CA GLY A 427 -5.36 9.17 -13.50
C GLY A 427 -4.28 8.97 -12.46
N LYS A 428 -4.33 9.75 -11.38
CA LYS A 428 -3.36 9.58 -10.29
C LYS A 428 -3.59 8.26 -9.55
N LEU A 429 -4.84 7.96 -9.22
CA LEU A 429 -5.14 6.70 -8.56
C LEU A 429 -4.92 5.50 -9.48
N TRP A 430 -5.06 5.71 -10.80
CA TRP A 430 -4.86 4.63 -11.75
C TRP A 430 -3.38 4.29 -11.89
N ILE A 431 -2.53 5.31 -11.96
CA ILE A 431 -1.09 5.08 -12.04
C ILE A 431 -0.58 4.48 -10.73
N LEU A 432 -1.14 4.91 -9.60
CA LEU A 432 -0.78 4.34 -8.31
C LEU A 432 -1.06 2.84 -8.28
N SER A 433 -2.17 2.42 -8.90
CA SER A 433 -2.56 1.01 -8.85
C SER A 433 -1.66 0.16 -9.74
N LEU A 434 -1.27 0.68 -10.90
CA LEU A 434 -0.48 -0.10 -11.84
C LEU A 434 0.98 -0.21 -11.40
N ARG A 435 1.54 0.85 -10.82
CA ARG A 435 2.94 0.84 -10.44
C ARG A 435 3.19 0.02 -9.18
N PHE A 436 2.28 0.09 -8.21
CA PHE A 436 2.57 -0.47 -6.90
C PHE A 436 1.47 -1.41 -6.40
N ILE A 437 0.24 -0.93 -6.35
CA ILE A 437 -0.83 -1.67 -5.68
C ILE A 437 -1.02 -3.04 -6.33
N ALA A 438 -1.24 -3.05 -7.66
CA ALA A 438 -1.51 -4.32 -8.32
C ALA A 438 -0.31 -5.25 -8.35
N PRO A 439 0.90 -4.83 -8.77
CA PRO A 439 2.01 -5.79 -8.80
C PRO A 439 2.43 -6.32 -7.43
N ILE A 440 2.41 -5.47 -6.40
CA ILE A 440 2.81 -5.93 -5.07
C ILE A 440 1.77 -6.89 -4.51
N ALA A 441 0.48 -6.57 -4.66
CA ALA A 441 -0.57 -7.42 -4.11
C ALA A 441 -0.59 -8.79 -4.77
N ILE A 442 -0.43 -8.84 -6.09
CA ILE A 442 -0.37 -10.12 -6.80
C ILE A 442 0.85 -10.90 -6.34
N LEU A 443 1.98 -10.21 -6.12
CA LEU A 443 3.17 -10.87 -5.62
C LEU A 443 2.92 -11.47 -4.24
N ILE A 444 2.32 -10.69 -3.34
CA ILE A 444 2.08 -11.16 -1.97
C ILE A 444 1.12 -12.34 -1.98
N VAL A 445 0.12 -12.32 -2.87
CA VAL A 445 -0.78 -13.45 -2.98
C VAL A 445 -0.05 -14.67 -3.51
N PHE A 446 0.87 -14.47 -4.46
CA PHE A 446 1.64 -15.59 -4.99
C PHE A 446 2.56 -16.18 -3.93
N LEU A 447 3.26 -15.33 -3.18
CA LEU A 447 4.14 -15.83 -2.14
C LEU A 447 3.36 -16.54 -1.03
N SER A 448 2.18 -16.01 -0.68
CA SER A 448 1.46 -16.55 0.46
C SER A 448 0.79 -17.87 0.14
N ALA A 449 0.24 -18.01 -1.07
CA ALA A 449 -0.47 -19.23 -1.42
C ALA A 449 0.48 -20.40 -1.63
N PHE A 450 1.61 -20.15 -2.28
CA PHE A 450 2.56 -21.22 -2.59
C PHE A 450 3.60 -21.37 -1.48
N GLY B 10 19.04 -8.68 35.13
CA GLY B 10 19.77 -8.64 33.88
C GLY B 10 19.49 -7.40 33.06
N ARG B 11 18.23 -7.24 32.65
CA ARG B 11 17.81 -6.05 31.91
C ARG B 11 17.51 -4.93 32.88
N GLU B 12 18.17 -3.79 32.71
CA GLU B 12 17.99 -2.67 33.63
C GLU B 12 16.61 -2.05 33.47
N GLN B 13 16.08 -1.56 34.59
CA GLN B 13 14.82 -0.85 34.64
C GLN B 13 15.07 0.59 35.08
N TRP B 14 14.02 1.39 35.11
CA TRP B 14 14.13 2.74 35.64
C TRP B 14 14.12 2.71 37.16
N ALA B 15 15.13 3.34 37.76
CA ALA B 15 15.30 3.25 39.21
C ALA B 15 14.25 4.09 39.94
N SER B 16 13.94 5.27 39.41
CA SER B 16 13.01 6.18 40.07
C SER B 16 11.72 6.28 39.28
N ARG B 17 10.63 6.64 39.98
CA ARG B 17 9.34 6.80 39.33
C ARG B 17 9.36 7.96 38.35
N LEU B 18 10.11 9.02 38.64
CA LEU B 18 10.35 10.08 37.68
C LEU B 18 11.39 9.71 36.64
N GLY B 19 12.10 8.60 36.83
CA GLY B 19 13.21 8.28 35.95
C GLY B 19 12.78 8.07 34.51
N PHE B 20 11.60 7.50 34.31
CA PHE B 20 11.14 7.24 32.94
C PHE B 20 10.71 8.54 32.25
N ILE B 21 9.84 9.32 32.91
CA ILE B 21 9.29 10.50 32.25
C ILE B 21 10.36 11.56 32.05
N LEU B 22 11.30 11.67 32.99
CA LEU B 22 12.41 12.60 32.82
C LEU B 22 13.28 12.20 31.62
N ALA B 23 13.49 10.90 31.44
CA ALA B 23 14.29 10.44 30.31
C ALA B 23 13.56 10.68 28.99
N ALA B 24 12.25 10.41 28.95
CA ALA B 24 11.49 10.65 27.74
C ALA B 24 11.48 12.13 27.35
N MET B 25 11.49 13.02 28.34
CA MET B 25 11.60 14.44 28.04
C MET B 25 13.00 14.79 27.55
N GLY B 26 14.02 14.18 28.15
CA GLY B 26 15.38 14.45 27.73
C GLY B 26 15.67 13.95 26.31
N SER B 27 14.98 12.89 25.89
CA SER B 27 15.13 12.42 24.52
C SER B 27 14.49 13.39 23.53
N ALA B 28 13.30 13.88 23.85
CA ALA B 28 12.57 14.73 22.91
C ALA B 28 13.22 16.11 22.79
N VAL B 29 13.58 16.71 23.92
CA VAL B 29 14.12 18.07 23.92
C VAL B 29 15.59 18.01 23.53
N GLY B 30 15.94 18.71 22.45
CA GLY B 30 17.31 18.73 21.96
C GLY B 30 17.52 19.70 20.81
N LEU B 31 18.39 19.32 19.86
CA LEU B 31 18.69 20.21 18.73
C LEU B 31 17.49 20.38 17.79
N GLY B 32 16.55 19.45 17.79
CA GLY B 32 15.42 19.55 16.89
C GLY B 32 14.49 20.71 17.20
N ASN B 33 14.38 21.09 18.47
CA ASN B 33 13.48 22.16 18.87
C ASN B 33 14.02 23.54 18.52
N ILE B 34 15.33 23.70 18.44
CA ILE B 34 15.96 25.00 18.21
C ILE B 34 16.65 25.04 16.85
N TRP B 35 17.62 24.17 16.62
CA TRP B 35 18.34 24.18 15.35
C TRP B 35 17.43 23.76 14.20
N ARG B 36 16.84 22.57 14.28
CA ARG B 36 16.09 22.06 13.14
C ARG B 36 14.73 22.75 13.00
N PHE B 37 14.05 23.02 14.11
CA PHE B 37 12.75 23.67 14.04
C PHE B 37 12.84 25.02 13.36
N SER B 38 13.89 25.79 13.67
CA SER B 38 13.97 27.16 13.18
C SER B 38 14.27 27.19 11.68
N TYR B 39 15.26 26.43 11.24
CA TYR B 39 15.63 26.50 9.83
C TYR B 39 14.59 25.82 8.93
N VAL B 40 13.87 24.83 9.47
CA VAL B 40 12.81 24.21 8.68
C VAL B 40 11.58 25.10 8.63
N THR B 41 11.24 25.75 9.75
CA THR B 41 10.14 26.71 9.74
C THR B 41 10.46 27.90 8.85
N GLY B 42 11.71 28.34 8.85
CA GLY B 42 12.09 29.53 8.08
C GLY B 42 11.97 29.33 6.58
N GLU B 43 12.17 28.11 6.10
CA GLU B 43 12.15 27.83 4.67
C GLU B 43 10.82 27.28 4.18
N ASN B 44 9.81 27.18 5.06
CA ASN B 44 8.52 26.60 4.68
C ASN B 44 7.36 27.59 4.79
N GLY B 45 7.62 28.85 5.10
CA GLY B 45 6.61 29.88 5.10
C GLY B 45 6.24 30.43 6.47
N GLY B 46 6.58 29.71 7.54
CA GLY B 46 6.32 30.20 8.87
C GLY B 46 5.02 29.71 9.48
N ALA B 47 3.99 30.54 9.47
CA ALA B 47 2.81 30.28 10.28
C ALA B 47 1.95 29.18 9.67
N ALA B 48 1.76 29.19 8.35
CA ALA B 48 0.98 28.14 7.70
C ALA B 48 1.63 26.77 7.94
N PHE B 49 2.95 26.71 7.84
CA PHE B 49 3.67 25.48 8.16
C PHE B 49 3.52 25.13 9.64
N LEU B 50 3.58 26.13 10.52
CA LEU B 50 3.49 25.88 11.95
C LEU B 50 2.12 25.33 12.32
N LEU B 51 1.05 25.89 11.74
CA LEU B 51 -0.30 25.41 12.04
C LEU B 51 -0.46 23.95 11.63
N VAL B 52 0.04 23.59 10.44
CA VAL B 52 0.04 22.19 10.04
C VAL B 52 0.88 21.37 11.00
N TYR B 53 1.99 21.94 11.49
CA TYR B 53 2.87 21.22 12.40
C TYR B 53 2.17 20.91 13.72
N LEU B 54 1.43 21.87 14.27
CA LEU B 54 0.78 21.65 15.56
C LEU B 54 -0.32 20.60 15.46
N GLY B 55 -1.02 20.53 14.33
CA GLY B 55 -2.06 19.53 14.18
C GLY B 55 -1.51 18.11 14.13
N PHE B 56 -0.28 17.95 13.63
CA PHE B 56 0.33 16.62 13.59
C PHE B 56 0.73 16.16 14.99
N ILE B 57 1.21 17.07 15.82
CA ILE B 57 1.60 16.72 17.19
C ILE B 57 0.41 16.11 17.93
N ALA B 58 -0.75 16.77 17.86
CA ALA B 58 -1.92 16.30 18.59
C ALA B 58 -2.56 15.08 17.94
N LEU B 59 -2.69 15.10 16.61
CA LEU B 59 -3.47 14.09 15.91
C LEU B 59 -2.66 12.86 15.49
N ILE B 60 -1.34 12.97 15.46
CA ILE B 60 -0.50 11.87 14.99
C ILE B 60 0.66 11.65 15.96
N GLY B 61 1.33 12.73 16.34
CA GLY B 61 2.44 12.64 17.26
C GLY B 61 2.08 12.03 18.59
N ILE B 62 1.17 12.69 19.32
CA ILE B 62 0.75 12.16 20.63
C ILE B 62 0.18 10.75 20.53
N PRO B 63 -0.71 10.43 19.60
CA PRO B 63 -1.19 9.03 19.52
C PRO B 63 -0.09 8.03 19.26
N ILE B 64 0.86 8.33 18.38
CA ILE B 64 1.91 7.35 18.07
C ILE B 64 2.97 7.34 19.17
N VAL B 65 3.17 8.46 19.87
CA VAL B 65 4.09 8.46 21.02
C VAL B 65 3.62 7.47 22.08
N LEU B 66 2.31 7.48 22.37
CA LEU B 66 1.75 6.48 23.28
C LEU B 66 1.88 5.07 22.73
N ALA B 67 1.87 4.93 21.40
CA ALA B 67 1.99 3.61 20.79
C ALA B 67 3.38 3.03 21.03
N GLU B 68 4.42 3.81 20.79
CA GLU B 68 5.79 3.32 21.00
C GLU B 68 6.04 2.99 22.47
N PHE B 69 5.44 3.75 23.38
CA PHE B 69 5.59 3.44 24.81
C PHE B 69 4.94 2.10 25.15
N THR B 70 3.72 1.87 24.67
CA THR B 70 2.98 0.67 25.02
C THR B 70 3.65 -0.57 24.48
N ILE B 71 4.19 -0.49 23.26
CA ILE B 71 4.90 -1.63 22.68
C ILE B 71 6.13 -1.97 23.52
N GLY B 72 6.85 -0.95 23.97
CA GLY B 72 8.07 -1.19 24.73
C GLY B 72 7.80 -1.80 26.10
N ARG B 73 6.86 -1.21 26.84
CA ARG B 73 6.62 -1.66 28.20
C ARG B 73 6.06 -3.08 28.24
N ARG B 74 5.16 -3.41 27.32
CA ARG B 74 4.59 -4.75 27.31
C ARG B 74 5.63 -5.79 26.92
N ALA B 75 6.50 -5.45 25.96
CA ALA B 75 7.44 -6.44 25.43
C ALA B 75 8.67 -6.57 26.32
N GLN B 76 9.13 -5.47 26.92
CA GLN B 76 10.36 -5.45 27.71
C GLN B 76 11.55 -5.93 26.88
N SER B 77 11.60 -5.49 25.63
CA SER B 77 12.65 -5.88 24.70
C SER B 77 13.10 -4.65 23.92
N ASP B 78 14.08 -4.83 23.04
CA ASP B 78 14.62 -3.73 22.27
C ASP B 78 13.62 -3.30 21.19
N ALA B 79 14.05 -2.41 20.30
CA ALA B 79 13.14 -1.85 19.31
C ALA B 79 12.67 -2.91 18.32
N VAL B 80 13.59 -3.75 17.83
CA VAL B 80 13.20 -4.82 16.93
C VAL B 80 12.65 -6.01 17.71
N GLY B 81 13.26 -6.32 18.85
CA GLY B 81 12.81 -7.45 19.65
C GLY B 81 11.42 -7.29 20.23
N SER B 82 10.93 -6.05 20.33
CA SER B 82 9.57 -5.84 20.81
C SER B 82 8.54 -6.36 19.81
N PHE B 83 8.77 -6.12 18.52
CA PHE B 83 7.84 -6.62 17.51
C PHE B 83 7.99 -8.13 17.31
N GLU B 84 9.19 -8.67 17.51
CA GLU B 84 9.38 -10.12 17.40
C GLU B 84 8.73 -10.85 18.57
N LYS B 85 8.78 -10.25 19.77
CA LYS B 85 8.26 -10.92 20.94
C LYS B 85 6.73 -10.87 20.99
N LEU B 86 6.13 -9.80 20.46
CA LEU B 86 4.69 -9.67 20.48
C LEU B 86 4.03 -10.26 19.24
N ALA B 87 4.72 -10.28 18.11
CA ALA B 87 4.20 -10.85 16.86
C ALA B 87 5.30 -11.65 16.21
N PRO B 88 5.45 -12.92 16.57
CA PRO B 88 6.58 -13.71 16.07
C PRO B 88 6.39 -14.11 14.61
N GLY B 89 7.43 -13.89 13.81
CA GLY B 89 7.44 -14.30 12.42
C GLY B 89 6.62 -13.44 11.48
N LYS B 90 6.11 -12.31 11.94
CA LYS B 90 5.26 -11.45 11.13
C LYS B 90 5.99 -10.17 10.74
N PRO B 91 5.58 -9.53 9.62
CA PRO B 91 6.37 -8.40 9.09
C PRO B 91 6.33 -7.15 9.96
N TRP B 92 5.74 -7.23 11.15
CA TRP B 92 5.67 -6.05 12.01
C TRP B 92 7.03 -5.59 12.50
N LYS B 93 8.04 -6.47 12.46
CA LYS B 93 9.37 -6.08 12.91
C LYS B 93 10.08 -5.15 11.93
N VAL B 94 9.47 -4.87 10.77
CA VAL B 94 10.12 -3.96 9.82
C VAL B 94 10.18 -2.55 10.38
N ALA B 95 9.21 -2.17 11.22
CA ALA B 95 9.23 -0.84 11.81
C ALA B 95 10.35 -0.71 12.83
N GLY B 96 10.71 -1.80 13.51
CA GLY B 96 11.85 -1.76 14.41
C GLY B 96 13.16 -1.69 13.65
N LEU B 97 13.32 -2.57 12.65
CA LEU B 97 14.51 -2.51 11.81
C LEU B 97 14.64 -1.14 11.15
N MET B 98 13.52 -0.61 10.64
CA MET B 98 13.54 0.74 10.07
C MET B 98 13.83 1.78 11.13
N GLY B 99 13.30 1.59 12.34
CA GLY B 99 13.59 2.52 13.43
C GLY B 99 15.04 2.45 13.89
N VAL B 100 15.57 1.22 14.04
CA VAL B 100 16.97 1.07 14.39
C VAL B 100 17.87 1.64 13.29
N ALA B 101 17.54 1.36 12.03
CA ALA B 101 18.29 1.93 10.93
C ALA B 101 18.13 3.45 10.90
N ALA B 102 16.94 3.95 11.23
CA ALA B 102 16.73 5.39 11.25
C ALA B 102 17.53 6.05 12.37
N GLY B 103 17.51 5.47 13.57
CA GLY B 103 18.32 6.00 14.65
C GLY B 103 19.80 5.91 14.36
N PHE B 104 20.22 4.88 13.62
CA PHE B 104 21.62 4.74 13.26
C PHE B 104 22.08 5.89 12.37
N LEU B 105 21.23 6.30 11.42
CA LEU B 105 21.61 7.35 10.49
C LEU B 105 21.52 8.74 11.11
N ILE B 106 20.47 9.00 11.89
CA ILE B 106 20.27 10.33 12.44
C ILE B 106 21.41 10.71 13.38
N LEU B 107 21.85 9.77 14.21
CA LEU B 107 22.96 10.03 15.12
C LEU B 107 24.26 10.38 14.37
N SER B 108 24.39 9.94 13.12
CA SER B 108 25.63 10.19 12.37
C SER B 108 25.83 11.68 12.15
N PHE B 109 24.81 12.38 11.67
CA PHE B 109 24.91 13.82 11.51
C PHE B 109 24.41 14.61 12.71
N TYR B 110 23.75 13.94 13.66
CA TYR B 110 23.35 14.63 14.89
C TYR B 110 24.57 15.00 15.72
N GLY B 111 25.60 14.15 15.71
CA GLY B 111 26.85 14.50 16.36
C GLY B 111 27.61 15.60 15.66
N VAL B 112 27.32 15.84 14.38
CA VAL B 112 27.96 16.94 13.67
C VAL B 112 27.44 18.28 14.16
N ILE B 113 26.12 18.44 14.21
CA ILE B 113 25.54 19.67 14.75
C ILE B 113 25.93 19.85 16.21
N ALA B 114 26.01 18.75 16.95
CA ALA B 114 26.43 18.83 18.35
C ALA B 114 27.89 19.22 18.47
N GLY B 115 28.72 18.84 17.50
CA GLY B 115 30.09 19.30 17.48
C GLY B 115 30.20 20.79 17.25
N TRP B 116 29.24 21.37 16.51
CA TRP B 116 29.18 22.81 16.35
C TRP B 116 28.91 23.49 17.69
N ILE B 117 28.08 22.88 18.53
CA ILE B 117 27.75 23.46 19.83
C ILE B 117 28.98 23.49 20.73
N LEU B 118 29.72 22.38 20.78
CA LEU B 118 30.95 22.35 21.56
C LEU B 118 31.96 23.35 21.03
N PHE B 119 31.99 23.56 19.71
CA PHE B 119 32.95 24.49 19.13
C PHE B 119 32.60 25.93 19.47
N TYR B 120 31.32 26.28 19.44
CA TYR B 120 30.90 27.63 19.81
C TYR B 120 31.07 27.88 21.30
N LEU B 121 30.77 26.87 22.12
CA LEU B 121 31.02 26.99 23.56
C LEU B 121 32.50 27.21 23.83
N PHE B 122 33.36 26.49 23.10
CA PHE B 122 34.80 26.62 23.29
C PHE B 122 35.29 28.02 22.94
N ASN B 123 34.66 28.68 21.97
CA ASN B 123 35.05 30.03 21.60
C ASN B 123 34.48 31.09 22.54
N TYR B 124 33.37 30.79 23.23
CA TYR B 124 32.89 31.67 24.27
C TYR B 124 33.63 31.44 25.58
N ILE B 125 34.01 30.20 25.88
CA ILE B 125 34.78 29.90 27.09
C ILE B 125 36.15 30.58 27.01
N THR B 126 36.80 30.50 25.86
CA THR B 126 38.09 31.13 25.65
C THR B 126 37.97 32.59 25.20
N GLY B 127 36.76 33.10 25.08
CA GLY B 127 36.55 34.50 24.78
C GLY B 127 36.95 34.91 23.38
N GLN B 128 36.51 34.15 22.38
CA GLN B 128 36.81 34.48 20.98
C GLN B 128 35.61 35.01 20.20
N LEU B 129 34.39 34.71 20.63
CA LEU B 129 33.20 35.23 19.99
C LEU B 129 32.54 36.35 20.80
N TRP B 130 33.25 36.90 21.79
CA TRP B 130 32.70 38.00 22.56
C TRP B 130 32.43 39.21 21.69
N SER B 131 33.37 39.53 20.80
CA SER B 131 33.20 40.57 19.81
C SER B 131 32.93 39.96 18.44
N ALA B 132 32.37 40.77 17.56
CA ALA B 132 32.05 40.28 16.23
C ALA B 132 33.33 40.15 15.40
N PRO B 133 33.57 39.00 14.78
CA PRO B 133 34.73 38.87 13.90
C PRO B 133 34.63 39.81 12.71
N ALA B 134 35.78 40.10 12.10
CA ALA B 134 35.81 41.06 10.99
C ALA B 134 34.95 40.59 9.83
N GLU B 135 34.89 39.28 9.61
CA GLU B 135 34.01 38.72 8.60
C GLU B 135 32.60 38.49 9.12
N GLY B 136 32.33 38.81 10.38
CA GLY B 136 31.02 38.62 10.96
C GLY B 136 30.83 37.23 11.53
N PHE B 137 29.71 37.07 12.26
CA PHE B 137 29.37 35.75 12.77
C PHE B 137 28.94 34.81 11.66
N GLY B 138 28.40 35.36 10.57
CA GLY B 138 28.07 34.52 9.42
C GLY B 138 29.32 34.04 8.70
N GLY B 139 30.27 34.94 8.45
CA GLY B 139 31.51 34.54 7.81
C GLY B 139 32.32 33.59 8.68
N PHE B 140 32.31 33.81 9.99
CA PHE B 140 33.03 32.92 10.89
C PHE B 140 32.40 31.53 10.94
N PHE B 141 31.07 31.44 10.78
CA PHE B 141 30.41 30.14 10.79
C PHE B 141 30.75 29.35 9.53
N GLU B 142 30.60 29.98 8.36
CA GLU B 142 30.86 29.27 7.10
C GLU B 142 32.32 28.83 7.01
N GLY B 143 33.25 29.61 7.58
CA GLY B 143 34.64 29.21 7.56
C GLY B 143 34.91 27.99 8.41
N PHE B 144 34.14 27.80 9.48
CA PHE B 144 34.31 26.63 10.34
C PHE B 144 33.77 25.37 9.69
N ILE B 145 32.56 25.44 9.12
CA ILE B 145 31.97 24.26 8.49
C ILE B 145 32.71 23.85 7.23
N ALA B 146 33.45 24.79 6.60
CA ALA B 146 34.22 24.45 5.42
C ALA B 146 35.52 23.74 5.75
N ASN B 147 36.03 23.91 6.97
CA ASN B 147 37.26 23.24 7.37
C ASN B 147 37.03 21.73 7.39
N PRO B 148 37.87 20.95 6.71
CA PRO B 148 37.59 19.51 6.60
C PRO B 148 37.77 18.73 7.90
N THR B 149 38.69 19.15 8.76
CA THR B 149 39.05 18.36 9.94
C THR B 149 38.58 18.95 11.26
N LEU B 150 38.50 20.28 11.36
CA LEU B 150 38.16 20.90 12.63
C LEU B 150 36.83 20.41 13.22
N PRO B 151 35.73 20.35 12.47
CA PRO B 151 34.48 19.86 13.08
C PRO B 151 34.53 18.39 13.45
N LEU B 152 35.36 17.58 12.77
CA LEU B 152 35.44 16.16 13.09
C LEU B 152 35.99 15.93 14.50
N PHE B 153 36.85 16.84 14.98
CA PHE B 153 37.37 16.69 16.33
C PHE B 153 36.27 16.92 17.37
N TRP B 154 35.45 17.95 17.18
CA TRP B 154 34.40 18.24 18.15
C TRP B 154 33.23 17.28 18.04
N GLN B 155 32.97 16.72 16.86
CA GLN B 155 31.98 15.66 16.74
C GLN B 155 32.45 14.40 17.46
N ALA B 156 33.72 14.02 17.27
CA ALA B 156 34.26 12.86 17.98
C ALA B 156 34.29 13.12 19.48
N LEU B 157 34.59 14.35 19.90
CA LEU B 157 34.54 14.67 21.31
C LEU B 157 33.13 14.51 21.87
N PHE B 158 32.12 14.85 21.07
CA PHE B 158 30.74 14.72 21.53
C PHE B 158 30.32 13.25 21.60
N MET B 159 30.60 12.49 20.55
CA MET B 159 30.20 11.08 20.55
C MET B 159 30.91 10.29 21.64
N ILE B 160 32.12 10.70 22.02
CA ILE B 160 32.80 10.05 23.14
C ILE B 160 31.99 10.23 24.42
N ALA B 161 31.40 11.40 24.61
CA ALA B 161 30.51 11.61 25.75
C ALA B 161 29.22 10.83 25.60
N THR B 162 28.74 10.64 24.37
CA THR B 162 27.53 9.86 24.17
C THR B 162 27.79 8.37 24.37
N ILE B 163 28.94 7.87 23.90
CA ILE B 163 29.30 6.47 24.12
C ILE B 163 29.48 6.21 25.61
N TRP B 164 30.09 7.16 26.33
CA TRP B 164 30.41 6.94 27.74
C TRP B 164 29.15 6.73 28.57
N ILE B 165 28.16 7.59 28.40
CA ILE B 165 26.95 7.51 29.23
C ILE B 165 26.16 6.24 28.91
N VAL B 166 26.07 5.88 27.63
CA VAL B 166 25.38 4.65 27.27
C VAL B 166 26.12 3.43 27.80
N ALA B 167 27.45 3.53 27.94
CA ALA B 167 28.23 2.40 28.42
C ALA B 167 28.01 2.15 29.92
N ILE B 168 27.70 3.19 30.69
CA ILE B 168 27.55 3.01 32.13
C ILE B 168 26.25 2.28 32.45
N GLY B 169 25.20 2.53 31.68
CA GLY B 169 23.94 1.83 31.84
C GLY B 169 22.78 2.79 31.98
N VAL B 170 21.60 2.20 32.13
CA VAL B 170 20.38 2.99 32.32
C VAL B 170 20.37 3.63 33.69
N LYS B 171 20.50 2.83 34.75
CA LYS B 171 20.38 3.35 36.10
C LYS B 171 21.57 4.23 36.48
N LYS B 172 22.75 3.93 35.95
CA LYS B 172 23.96 4.66 36.34
C LYS B 172 24.32 5.80 35.40
N GLY B 173 23.77 5.83 34.19
CA GLY B 173 24.19 6.83 33.23
C GLY B 173 23.10 7.73 32.72
N ILE B 174 22.14 7.17 31.98
CA ILE B 174 21.09 7.98 31.37
C ILE B 174 20.16 8.54 32.44
N GLU B 175 19.79 7.71 33.43
CA GLU B 175 18.84 8.13 34.45
C GLU B 175 19.43 9.16 35.41
N ARG B 176 20.75 9.30 35.46
CA ARG B 176 21.40 10.19 36.40
C ARG B 176 21.71 11.56 35.80
N SER B 177 21.09 11.90 34.67
CA SER B 177 21.26 13.23 34.11
C SER B 177 20.71 14.29 35.06
N ASN B 178 21.27 15.49 34.99
CA ASN B 178 20.95 16.54 35.95
C ASN B 178 19.53 17.04 35.72
N LYS B 179 18.68 16.90 36.74
CA LYS B 179 17.30 17.38 36.64
C LYS B 179 17.23 18.88 36.43
N ILE B 180 18.28 19.62 36.81
CA ILE B 180 18.22 21.08 36.79
C ILE B 180 18.43 21.65 35.39
N LEU B 181 19.16 20.92 34.54
CA LEU B 181 19.54 21.47 33.24
C LEU B 181 18.35 21.66 32.30
N MET B 182 17.24 20.98 32.54
CA MET B 182 16.07 21.13 31.67
C MET B 182 15.30 22.40 31.99
N PRO B 183 15.00 22.71 33.27
CA PRO B 183 14.38 24.02 33.55
C PRO B 183 15.29 25.19 33.25
N LEU B 184 16.60 25.04 33.48
CA LEU B 184 17.53 26.13 33.19
C LEU B 184 17.50 26.50 31.72
N LEU B 185 17.39 25.49 30.84
CA LEU B 185 17.29 25.77 29.42
C LEU B 185 15.99 26.47 29.07
N GLY B 186 14.88 25.99 29.63
CA GLY B 186 13.58 26.59 29.34
C GLY B 186 13.48 28.03 29.84
N VAL B 187 14.02 28.30 31.02
CA VAL B 187 13.96 29.64 31.58
C VAL B 187 14.82 30.61 30.76
N LEU B 188 16.00 30.15 30.33
CA LEU B 188 16.89 31.01 29.55
C LEU B 188 16.29 31.33 28.18
N LEU B 189 15.59 30.36 27.59
CA LEU B 189 14.96 30.61 26.28
C LEU B 189 13.88 31.67 26.40
N ILE B 190 13.05 31.61 27.44
CA ILE B 190 12.04 32.63 27.67
C ILE B 190 12.70 33.99 27.86
N ALA B 191 13.83 34.02 28.57
CA ALA B 191 14.55 35.27 28.77
C ALA B 191 15.07 35.82 27.45
N LEU B 192 15.48 34.95 26.54
CA LEU B 192 15.98 35.40 25.25
C LEU B 192 14.83 35.74 24.30
N ALA B 193 13.76 34.96 24.32
CA ALA B 193 12.60 35.26 23.49
C ALA B 193 12.01 36.62 23.86
N ILE B 194 12.02 36.95 25.15
CA ILE B 194 11.55 38.26 25.59
C ILE B 194 12.46 39.35 25.05
N TYR B 195 13.79 39.16 25.16
CA TYR B 195 14.72 40.16 24.68
C TYR B 195 14.61 40.34 23.17
N SER B 196 14.38 39.24 22.44
CA SER B 196 14.30 39.32 20.99
C SER B 196 13.09 40.12 20.53
N LEU B 197 12.03 40.18 21.34
CA LEU B 197 10.85 40.94 20.98
C LEU B 197 11.08 42.44 21.07
N THR B 198 12.22 42.89 21.62
CA THR B 198 12.50 44.30 21.81
C THR B 198 13.58 44.82 20.87
N LEU B 199 13.95 44.05 19.85
CA LEU B 199 15.05 44.43 18.97
C LEU B 199 14.57 45.19 17.73
N GLY B 200 13.27 45.20 17.45
CA GLY B 200 12.73 45.92 16.32
C GLY B 200 12.17 45.05 15.21
N GLY B 201 12.27 43.73 15.34
CA GLY B 201 11.76 42.84 14.31
C GLY B 201 10.62 41.97 14.78
N ALA B 202 10.01 42.36 15.90
CA ALA B 202 8.91 41.57 16.46
C ALA B 202 7.62 41.72 15.67
N LYS B 203 7.48 42.79 14.87
CA LYS B 203 6.29 42.92 14.04
C LYS B 203 6.32 41.92 12.90
N GLU B 204 7.36 41.99 12.06
CA GLU B 204 7.48 41.04 10.96
C GLU B 204 7.80 39.64 11.46
N GLY B 205 8.55 39.53 12.56
CA GLY B 205 8.91 38.22 13.07
C GLY B 205 7.72 37.43 13.57
N LEU B 206 6.87 38.07 14.37
CA LEU B 206 5.68 37.38 14.89
C LEU B 206 4.64 37.19 13.80
N ALA B 207 4.59 38.08 12.80
CA ALA B 207 3.69 37.86 11.68
C ALA B 207 4.14 36.67 10.84
N PHE B 208 5.45 36.56 10.59
CA PHE B 208 5.98 35.41 9.87
C PHE B 208 5.60 34.11 10.55
N LEU B 209 5.74 34.06 11.87
CA LEU B 209 5.51 32.83 12.62
C LEU B 209 4.04 32.60 12.96
N PHE B 210 3.21 33.65 13.00
CA PHE B 210 1.84 33.50 13.45
C PHE B 210 0.78 34.03 12.48
N SER B 211 1.15 34.81 11.47
CA SER B 211 0.18 35.21 10.44
C SER B 211 0.34 34.30 9.24
N PRO B 212 -0.57 33.35 9.02
CA PRO B 212 -0.34 32.30 8.01
C PRO B 212 -0.58 32.79 6.59
N ASP B 213 0.45 32.72 5.77
CA ASP B 213 0.29 32.85 4.32
C ASP B 213 -0.36 31.58 3.82
N TRP B 214 -1.66 31.62 3.57
CA TRP B 214 -2.41 30.41 3.23
C TRP B 214 -2.01 29.82 1.88
N SER B 215 -1.10 30.44 1.14
CA SER B 215 -0.68 29.88 -0.14
C SER B 215 0.03 28.54 0.05
N ALA B 216 0.78 28.41 1.15
CA ALA B 216 1.52 27.17 1.42
C ALA B 216 0.62 26.04 1.93
N LEU B 217 -0.64 26.33 2.22
CA LEU B 217 -1.54 25.30 2.75
C LEU B 217 -1.88 24.24 1.70
N LYS B 218 -1.64 24.51 0.43
CA LYS B 218 -2.00 23.59 -0.65
C LYS B 218 -0.79 23.08 -1.41
N ASP B 219 0.42 23.16 -0.80
CA ASP B 219 1.71 22.68 -1.28
C ASP B 219 2.04 21.36 -0.62
N PRO B 220 2.27 20.29 -1.38
CA PRO B 220 2.58 19.00 -0.75
C PRO B 220 3.85 19.02 0.09
N GLY B 221 4.84 19.83 -0.29
CA GLY B 221 6.11 19.81 0.42
C GLY B 221 6.02 20.31 1.84
N VAL B 222 5.03 21.15 2.14
CA VAL B 222 4.91 21.71 3.48
C VAL B 222 4.39 20.64 4.45
N TYR B 223 3.48 19.79 3.99
CA TYR B 223 2.95 18.72 4.84
C TYR B 223 4.05 17.73 5.21
N LEU B 224 4.86 17.33 4.22
CA LEU B 224 5.93 16.38 4.47
C LEU B 224 6.99 16.97 5.40
N ALA B 225 7.39 18.22 5.14
CA ALA B 225 8.37 18.86 6.03
C ALA B 225 7.82 19.01 7.44
N ALA B 226 6.51 19.21 7.57
CA ALA B 226 5.91 19.33 8.90
C ALA B 226 5.85 17.98 9.61
N ILE B 227 5.47 16.93 8.89
CA ILE B 227 5.36 15.62 9.52
C ILE B 227 6.74 15.07 9.83
N SER B 228 7.76 15.48 9.08
CA SER B 228 9.12 15.05 9.38
C SER B 228 9.66 15.75 10.62
N GLN B 229 9.34 17.04 10.78
CA GLN B 229 9.73 17.75 11.99
C GLN B 229 9.01 17.21 13.22
N ALA B 230 7.81 16.66 13.03
CA ALA B 230 7.01 16.18 14.17
C ALA B 230 7.58 14.89 14.75
N PHE B 231 7.88 13.91 13.89
CA PHE B 231 8.44 12.66 14.39
C PHE B 231 9.86 12.86 14.92
N PHE B 232 10.63 13.72 14.25
CA PHE B 232 12.00 13.99 14.69
C PHE B 232 12.03 14.58 16.09
N THR B 233 11.25 15.64 16.32
CA THR B 233 11.27 16.35 17.59
C THR B 233 10.70 15.52 18.74
N LEU B 234 10.00 14.43 18.45
CA LEU B 234 9.41 13.58 19.47
C LEU B 234 10.18 12.29 19.71
N SER B 235 11.32 12.10 19.04
CA SER B 235 12.06 10.84 19.07
C SER B 235 11.17 9.67 18.65
N LEU B 236 10.32 9.93 17.66
CA LEU B 236 9.30 8.99 17.23
C LEU B 236 9.73 8.28 15.96
N GLY B 237 9.38 7.00 15.85
CA GLY B 237 9.68 6.22 14.67
C GLY B 237 11.12 5.77 14.55
N MET B 238 11.99 6.14 15.48
CA MET B 238 13.40 5.77 15.44
C MET B 238 13.76 4.74 16.51
N GLY B 239 12.75 4.14 17.15
CA GLY B 239 12.98 3.16 18.19
C GLY B 239 13.42 3.73 19.52
N ALA B 240 13.49 5.06 19.67
CA ALA B 240 13.96 5.65 20.91
C ALA B 240 12.93 5.51 22.02
N LEU B 241 11.65 5.78 21.72
CA LEU B 241 10.60 5.66 22.72
C LEU B 241 10.23 4.21 23.02
N ILE B 242 10.45 3.28 22.08
CA ILE B 242 10.17 1.88 22.35
C ILE B 242 11.19 1.32 23.32
N THR B 243 12.46 1.71 23.18
CA THR B 243 13.50 1.19 24.07
C THR B 243 13.36 1.76 25.48
N TYR B 244 13.11 3.06 25.59
CA TYR B 244 12.88 3.65 26.91
C TYR B 244 11.58 3.14 27.52
N GLY B 245 10.61 2.76 26.67
CA GLY B 245 9.41 2.14 27.19
C GLY B 245 9.66 0.77 27.79
N SER B 246 10.64 0.04 27.27
CA SER B 246 10.96 -1.29 27.77
C SER B 246 11.75 -1.28 29.06
N TYR B 247 12.04 -0.10 29.61
CA TYR B 247 12.77 0.02 30.86
C TYR B 247 11.87 0.42 32.03
N VAL B 248 10.58 0.63 31.79
CA VAL B 248 9.67 1.11 32.81
C VAL B 248 8.81 -0.06 33.29
N SER B 249 8.35 0.04 34.53
CA SER B 249 7.57 -1.02 35.15
C SER B 249 6.09 -0.92 34.75
N LYS B 250 5.34 -1.97 35.08
CA LYS B 250 3.92 -2.01 34.75
C LYS B 250 3.10 -1.07 35.61
N ASP B 251 3.63 -0.61 36.75
CA ASP B 251 2.84 0.16 37.68
C ASP B 251 2.60 1.58 37.19
N SER B 252 3.60 2.19 36.57
CA SER B 252 3.48 3.58 36.16
C SER B 252 2.48 3.71 35.02
N ARG B 253 1.90 4.90 34.91
CA ARG B 253 0.85 5.20 33.95
C ARG B 253 1.44 5.88 32.73
N LEU B 254 0.98 5.46 31.54
CA LEU B 254 1.58 5.87 30.27
C LEU B 254 0.94 7.12 29.65
N PRO B 255 -0.39 7.21 29.55
CA PRO B 255 -0.98 8.31 28.76
C PRO B 255 -0.55 9.69 29.21
N GLY B 256 -0.35 9.90 30.51
CA GLY B 256 0.11 11.21 30.98
C GLY B 256 1.53 11.51 30.55
N ALA B 257 2.37 10.49 30.42
CA ALA B 257 3.74 10.69 29.98
C ALA B 257 3.80 11.07 28.50
N ALA B 258 2.84 10.60 27.70
CA ALA B 258 2.84 10.92 26.28
C ALA B 258 2.50 12.38 26.03
N VAL B 259 1.45 12.88 26.70
CA VAL B 259 1.03 14.26 26.49
C VAL B 259 1.99 15.24 27.17
N SER B 260 2.56 14.84 28.30
CA SER B 260 3.50 15.73 29.00
C SER B 260 4.78 15.89 28.21
N VAL B 261 5.25 14.82 27.55
CA VAL B 261 6.45 14.92 26.73
C VAL B 261 6.20 15.79 25.50
N ALA B 262 5.12 15.50 24.77
CA ALA B 262 4.79 16.29 23.59
C ALA B 262 4.43 17.72 23.96
N GLY B 263 3.81 17.92 25.13
CA GLY B 263 3.48 19.27 25.56
C GLY B 263 4.72 20.08 25.89
N LEU B 264 5.63 19.49 26.68
CA LEU B 264 6.89 20.18 26.98
C LEU B 264 7.71 20.37 25.72
N ASP B 265 7.67 19.39 24.81
CA ASP B 265 8.44 19.49 23.57
C ASP B 265 7.92 20.64 22.69
N THR B 266 6.60 20.79 22.60
CA THR B 266 6.03 21.88 21.82
C THR B 266 6.30 23.24 22.44
N ALA B 267 6.36 23.30 23.78
CA ALA B 267 6.61 24.58 24.44
C ALA B 267 8.00 25.12 24.09
N PHE B 268 8.98 24.23 23.96
CA PHE B 268 10.33 24.68 23.63
C PHE B 268 10.41 25.18 22.19
N ALA B 269 9.69 24.53 21.27
CA ALA B 269 9.74 24.93 19.87
C ALA B 269 9.16 26.33 19.66
N ILE B 270 8.01 26.62 20.29
CA ILE B 270 7.37 27.91 20.11
C ILE B 270 8.24 29.02 20.68
N ILE B 271 8.74 28.83 21.91
CA ILE B 271 9.59 29.84 22.53
C ILE B 271 10.88 30.02 21.74
N ALA B 272 11.39 28.95 21.14
CA ALA B 272 12.57 29.07 20.30
C ALA B 272 12.27 29.83 19.02
N GLY B 273 11.06 29.63 18.46
CA GLY B 273 10.67 30.40 17.30
C GLY B 273 10.40 31.86 17.60
N ILE B 274 9.91 32.16 18.81
CA ILE B 274 9.67 33.55 19.20
C ILE B 274 10.99 34.28 19.43
N MET B 275 12.07 33.57 19.73
CA MET B 275 13.36 34.24 19.93
C MET B 275 14.07 34.51 18.61
N ILE B 276 14.04 33.56 17.68
CA ILE B 276 14.97 33.60 16.56
C ILE B 276 14.45 34.48 15.44
N PHE B 277 13.19 34.31 15.06
CA PHE B 277 12.69 34.98 13.87
C PHE B 277 12.49 36.49 14.08
N PRO B 278 11.96 36.94 15.23
CA PRO B 278 12.04 38.40 15.48
C PRO B 278 13.45 38.94 15.44
N ALA B 279 14.45 38.12 15.76
CA ALA B 279 15.83 38.53 15.61
C ALA B 279 16.29 38.43 14.15
N VAL B 280 15.81 37.41 13.44
CA VAL B 280 16.10 37.29 12.01
C VAL B 280 15.64 38.54 11.27
N PHE B 281 14.40 38.95 11.50
CA PHE B 281 13.88 40.16 10.87
C PHE B 281 14.49 41.42 11.46
N ALA B 282 15.03 41.35 12.68
CA ALA B 282 15.76 42.49 13.22
C ALA B 282 17.11 42.64 12.55
N LEU B 283 17.79 41.53 12.27
CA LEU B 283 19.06 41.55 11.57
C LEU B 283 18.92 41.78 10.08
N GLY B 284 17.69 41.75 9.55
CA GLY B 284 17.49 41.85 8.13
C GLY B 284 17.85 40.62 7.35
N LEU B 285 18.14 39.51 8.03
CA LEU B 285 18.51 38.28 7.36
C LEU B 285 17.29 37.60 6.74
N SER B 286 17.56 36.74 5.77
CA SER B 286 16.49 35.95 5.16
C SER B 286 16.08 34.84 6.11
N PRO B 287 14.78 34.63 6.32
CA PRO B 287 14.34 33.57 7.25
C PRO B 287 14.73 32.17 6.79
N SER B 288 14.95 31.96 5.50
CA SER B 288 15.33 30.64 4.98
C SER B 288 16.85 30.52 4.84
N GLY B 289 17.57 30.78 5.92
CA GLY B 289 19.03 30.73 5.87
C GLY B 289 19.59 29.34 5.77
N GLY B 290 18.92 28.37 6.39
CA GLY B 290 19.38 26.99 6.37
C GLY B 290 19.87 26.53 7.73
N PRO B 291 20.50 25.35 7.77
CA PRO B 291 20.89 24.75 9.05
C PRO B 291 21.75 25.66 9.93
N GLY B 292 22.48 26.60 9.35
CA GLY B 292 23.27 27.52 10.13
C GLY B 292 22.55 28.75 10.60
N LEU B 293 21.21 28.76 10.52
CA LEU B 293 20.44 29.96 10.87
C LEU B 293 20.70 30.38 12.31
N VAL B 294 20.59 29.43 13.26
CA VAL B 294 20.76 29.78 14.66
C VAL B 294 22.22 30.01 15.04
N PHE B 295 23.17 29.51 14.24
CA PHE B 295 24.59 29.73 14.50
C PHE B 295 25.08 31.07 13.96
N VAL B 296 24.26 31.73 13.15
CA VAL B 296 24.54 33.07 12.69
C VAL B 296 23.70 34.12 13.44
N VAL B 297 22.47 33.78 13.82
CA VAL B 297 21.57 34.76 14.43
C VAL B 297 21.85 34.92 15.91
N LEU B 298 21.90 33.81 16.65
CA LEU B 298 21.98 33.85 18.10
C LEU B 298 23.31 34.45 18.59
N PRO B 299 24.47 34.08 18.02
CA PRO B 299 25.69 34.80 18.41
C PRO B 299 25.63 36.29 18.14
N ASP B 300 24.87 36.71 17.12
CA ASP B 300 24.67 38.14 16.90
C ASP B 300 23.77 38.74 17.98
N ILE B 301 22.80 37.97 18.46
CA ILE B 301 22.00 38.42 19.60
C ILE B 301 22.89 38.65 20.81
N PHE B 302 23.75 37.67 21.11
CA PHE B 302 24.61 37.78 22.28
C PHE B 302 25.59 38.94 22.15
N ASP B 303 25.94 39.32 20.93
CA ASP B 303 26.81 40.49 20.74
C ASP B 303 26.09 41.77 21.13
N SER B 304 24.78 41.85 20.84
CA SER B 304 24.01 43.04 21.20
C SER B 304 23.84 43.19 22.70
N ILE B 305 23.94 42.10 23.45
CA ILE B 305 23.78 42.13 24.90
C ILE B 305 25.11 42.48 25.54
N ARG B 306 25.08 43.42 26.49
CA ARG B 306 26.31 43.79 27.20
C ARG B 306 26.93 42.60 27.90
N LEU B 307 26.11 41.79 28.57
CA LEU B 307 26.57 40.57 29.22
C LEU B 307 26.40 39.34 28.34
N GLY B 308 26.32 39.52 27.01
CA GLY B 308 26.11 38.44 26.08
C GLY B 308 27.12 37.31 26.12
N PRO B 309 28.42 37.59 26.24
CA PRO B 309 29.40 36.49 26.36
C PRO B 309 29.06 35.51 27.47
N ILE B 310 28.61 35.98 28.63
CA ILE B 310 28.21 35.07 29.70
C ILE B 310 26.95 34.30 29.29
N VAL B 311 25.99 35.00 28.67
CA VAL B 311 24.79 34.32 28.19
C VAL B 311 25.14 33.32 27.10
N GLY B 312 26.10 33.66 26.25
CA GLY B 312 26.52 32.73 25.22
C GLY B 312 27.11 31.46 25.79
N ILE B 313 27.88 31.58 26.88
CA ILE B 313 28.46 30.40 27.52
C ILE B 313 27.35 29.52 28.08
N ALA B 314 26.41 30.12 28.82
CA ALA B 314 25.34 29.35 29.43
C ALA B 314 24.38 28.78 28.40
N PHE B 315 24.24 29.45 27.25
CA PHE B 315 23.34 28.95 26.22
C PHE B 315 23.86 27.66 25.60
N PHE B 316 25.16 27.60 25.30
CA PHE B 316 25.72 26.43 24.67
C PHE B 316 26.03 25.31 25.66
N ILE B 317 26.18 25.63 26.95
CA ILE B 317 26.33 24.57 27.96
C ILE B 317 25.05 23.78 28.10
N LEU B 318 23.92 24.47 28.29
CA LEU B 318 22.65 23.78 28.46
C LEU B 318 22.16 23.16 27.15
N LEU B 319 22.49 23.78 26.01
CA LEU B 319 22.12 23.20 24.73
C LEU B 319 22.86 21.89 24.49
N GLY B 320 24.16 21.86 24.76
CA GLY B 320 24.91 20.62 24.64
C GLY B 320 24.46 19.56 25.62
N ALA B 321 23.96 19.99 26.78
CA ALA B 321 23.41 19.03 27.74
C ALA B 321 22.14 18.39 27.19
N ALA B 322 21.28 19.19 26.56
CA ALA B 322 20.06 18.64 25.96
C ALA B 322 20.37 17.83 24.71
N ALA B 323 21.38 18.24 23.94
CA ALA B 323 21.79 17.46 22.78
C ALA B 323 22.46 16.16 23.20
N LEU B 324 23.16 16.16 24.34
CA LEU B 324 23.79 14.96 24.84
C LEU B 324 22.74 13.91 25.23
N SER B 325 21.72 14.33 25.99
CA SER B 325 20.67 13.40 26.39
C SER B 325 19.86 12.91 25.21
N SER B 326 19.71 13.73 24.16
CA SER B 326 18.99 13.29 22.97
C SER B 326 19.83 12.37 22.11
N ALA B 327 21.15 12.59 22.07
CA ALA B 327 22.03 11.67 21.36
C ALA B 327 22.22 10.37 22.14
N VAL B 328 22.15 10.43 23.47
CA VAL B 328 22.23 9.24 24.29
C VAL B 328 21.02 8.35 24.06
N SER B 329 19.84 8.96 23.93
CA SER B 329 18.63 8.18 23.67
C SER B 329 18.63 7.56 22.28
N LEU B 330 19.42 8.11 21.35
CA LEU B 330 19.56 7.50 20.03
C LEU B 330 20.50 6.30 20.07
N LEU B 331 21.67 6.48 20.68
CA LEU B 331 22.68 5.42 20.73
C LEU B 331 22.16 4.17 21.43
N GLU B 332 21.22 4.33 22.36
CA GLU B 332 20.71 3.19 23.11
C GLU B 332 19.90 2.22 22.24
N VAL B 333 19.39 2.67 21.10
CA VAL B 333 18.53 1.83 20.26
C VAL B 333 19.36 0.78 19.53
N PRO B 334 20.44 1.14 18.81
CA PRO B 334 21.29 0.08 18.24
C PRO B 334 22.02 -0.73 19.30
N VAL B 335 22.37 -0.12 20.43
CA VAL B 335 23.06 -0.86 21.49
C VAL B 335 22.15 -1.95 22.04
N ALA B 336 20.91 -1.60 22.36
CA ALA B 336 19.98 -2.60 22.89
C ALA B 336 19.63 -3.67 21.86
N TYR B 337 19.78 -3.37 20.58
CA TYR B 337 19.48 -4.35 19.54
C TYR B 337 20.63 -5.34 19.34
N PHE B 338 21.87 -4.85 19.35
CA PHE B 338 23.02 -5.72 19.20
C PHE B 338 23.44 -6.38 20.50
N MET B 339 22.93 -5.92 21.64
CA MET B 339 23.20 -6.62 22.90
C MET B 339 22.41 -7.92 22.98
N ARG B 340 21.14 -7.89 22.58
CA ARG B 340 20.33 -9.10 22.62
C ARG B 340 20.72 -10.08 21.53
N LYS B 341 20.95 -9.59 20.31
CA LYS B 341 21.10 -10.47 19.16
C LYS B 341 22.42 -11.24 19.23
N PHE B 342 23.53 -10.55 19.47
CA PHE B 342 24.85 -11.18 19.46
C PHE B 342 25.43 -11.33 20.86
N ASP B 343 24.64 -11.06 21.90
CA ASP B 343 25.10 -11.17 23.29
C ASP B 343 26.35 -10.34 23.54
N TRP B 344 26.38 -9.13 22.98
CA TRP B 344 27.45 -8.20 23.26
C TRP B 344 27.28 -7.60 24.65
N SER B 345 28.39 -7.23 25.26
CA SER B 345 28.33 -6.45 26.48
C SER B 345 27.88 -5.02 26.16
N ARG B 346 27.32 -4.35 27.16
CA ARG B 346 26.93 -2.96 26.98
C ARG B 346 28.14 -2.09 26.65
N LYS B 347 29.28 -2.39 27.25
CA LYS B 347 30.49 -1.59 27.00
C LYS B 347 30.99 -1.78 25.57
N GLN B 348 30.99 -3.01 25.06
CA GLN B 348 31.51 -3.26 23.73
C GLN B 348 30.60 -2.70 22.65
N ALA B 349 29.28 -2.93 22.78
CA ALA B 349 28.35 -2.45 21.77
C ALA B 349 28.36 -0.93 21.68
N ALA B 350 28.47 -0.24 22.81
CA ALA B 350 28.44 1.22 22.80
C ALA B 350 29.68 1.80 22.13
N ILE B 351 30.85 1.22 22.39
CA ILE B 351 32.07 1.72 21.78
C ILE B 351 32.12 1.37 20.29
N THR B 352 31.82 0.11 19.97
CA THR B 352 31.90 -0.33 18.58
C THR B 352 30.87 0.40 17.72
N LEU B 353 29.61 0.38 18.11
CA LEU B 353 28.58 1.09 17.35
C LEU B 353 28.79 2.60 17.41
N GLY B 354 29.37 3.10 18.51
CA GLY B 354 29.58 4.53 18.63
C GLY B 354 30.60 5.06 17.64
N VAL B 355 31.68 4.31 17.41
CA VAL B 355 32.66 4.72 16.41
C VAL B 355 32.08 4.60 15.01
N ILE B 356 31.30 3.54 14.75
CA ILE B 356 30.70 3.34 13.44
C ILE B 356 29.81 4.53 13.07
N ILE B 357 28.99 4.98 14.02
CA ILE B 357 28.11 6.12 13.76
C ILE B 357 28.93 7.38 13.48
N THR B 358 30.04 7.56 14.21
CA THR B 358 30.90 8.71 13.99
C THR B 358 31.49 8.70 12.58
N LEU B 359 31.88 7.52 12.09
CA LEU B 359 32.38 7.42 10.73
C LEU B 359 31.29 7.74 9.72
N LEU B 360 30.06 7.32 10.01
CA LEU B 360 28.96 7.53 9.07
C LEU B 360 28.65 9.01 8.88
N GLY B 361 28.94 9.84 9.88
CA GLY B 361 28.65 11.26 9.78
C GLY B 361 29.75 12.13 9.25
N ILE B 362 30.97 11.58 9.14
CA ILE B 362 32.08 12.36 8.59
C ILE B 362 31.81 12.80 7.15
N PRO B 363 31.24 11.97 6.25
CA PRO B 363 30.86 12.51 4.94
C PRO B 363 29.84 13.62 5.03
N SER B 364 28.84 13.49 5.91
CA SER B 364 27.88 14.57 6.10
C SER B 364 28.55 15.81 6.69
N SER B 365 29.54 15.64 7.57
CA SER B 365 30.31 16.78 8.03
C SER B 365 31.15 17.35 6.90
N LEU B 366 31.70 16.49 6.04
CA LEU B 366 32.45 16.97 4.88
C LEU B 366 31.54 17.55 3.81
N SER B 367 30.25 17.24 3.85
CA SER B 367 29.31 17.78 2.86
C SER B 367 29.11 19.28 2.99
N PHE B 368 29.51 19.89 4.10
CA PHE B 368 29.45 21.33 4.24
C PHE B 368 30.64 22.04 3.62
N GLY B 369 31.65 21.30 3.18
CA GLY B 369 32.83 21.89 2.58
C GLY B 369 33.28 21.22 1.30
N VAL B 370 34.18 20.23 1.43
CA VAL B 370 34.76 19.61 0.24
C VAL B 370 33.73 18.78 -0.52
N LEU B 371 32.78 18.15 0.18
CA LEU B 371 31.77 17.32 -0.46
C LEU B 371 30.48 18.08 -0.76
N GLY B 372 30.56 19.41 -0.88
CA GLY B 372 29.35 20.19 -1.12
C GLY B 372 28.75 19.93 -2.49
N GLU B 373 29.59 19.85 -3.53
CA GLU B 373 29.09 19.61 -4.87
C GLU B 373 28.56 18.18 -5.03
N VAL B 374 29.11 17.23 -4.28
CA VAL B 374 28.68 15.85 -4.38
C VAL B 374 27.24 15.73 -3.91
N THR B 375 26.42 15.01 -4.66
CA THR B 375 25.02 14.77 -4.32
C THR B 375 24.74 13.29 -4.33
N ILE B 376 23.92 12.85 -3.37
CA ILE B 376 23.46 11.47 -3.31
C ILE B 376 22.04 11.43 -3.88
N ILE B 377 21.12 12.09 -3.19
CA ILE B 377 19.76 12.25 -3.70
C ILE B 377 19.75 13.45 -4.66
N PRO B 378 19.22 13.31 -5.88
CA PRO B 378 19.29 14.39 -6.86
C PRO B 378 18.76 15.72 -6.34
N GLY B 379 19.68 16.64 -6.06
CA GLY B 379 19.34 17.96 -5.56
C GLY B 379 19.89 18.27 -4.19
N LEU B 380 20.28 17.25 -3.42
CA LEU B 380 20.73 17.44 -2.04
C LEU B 380 22.12 16.84 -1.86
N ASN B 381 22.91 17.46 -1.00
CA ASN B 381 24.24 16.96 -0.68
C ASN B 381 24.13 15.77 0.25
N ILE B 382 25.25 15.34 0.82
CA ILE B 382 25.26 14.15 1.67
C ILE B 382 24.45 14.39 2.94
N PHE B 383 24.69 15.53 3.61
CA PHE B 383 23.95 15.85 4.83
C PHE B 383 22.45 15.86 4.58
N ASP B 384 22.01 16.64 3.58
CA ASP B 384 20.58 16.75 3.31
C ASP B 384 19.99 15.43 2.85
N SER B 385 20.77 14.61 2.15
CA SER B 385 20.25 13.32 1.69
C SER B 385 20.09 12.35 2.85
N VAL B 386 21.06 12.32 3.76
CA VAL B 386 20.94 11.47 4.94
C VAL B 386 19.78 11.93 5.82
N ASP B 387 19.66 13.24 6.03
CA ASP B 387 18.57 13.78 6.82
C ASP B 387 17.22 13.48 6.16
N PHE B 388 17.16 13.54 4.83
CA PHE B 388 15.89 13.33 4.13
C PHE B 388 15.46 11.86 4.20
N ILE B 389 16.41 10.93 4.02
CA ILE B 389 16.05 9.51 4.01
C ILE B 389 15.51 9.10 5.37
N ALA B 390 16.21 9.46 6.44
CA ALA B 390 15.80 9.03 7.77
C ALA B 390 14.54 9.75 8.23
N SER B 391 14.50 11.07 8.09
CA SER B 391 13.42 11.85 8.70
C SER B 391 12.14 11.83 7.87
N SER B 392 12.26 11.79 6.54
CA SER B 392 11.09 11.87 5.67
C SER B 392 10.63 10.52 5.13
N VAL B 393 11.34 9.43 5.45
CA VAL B 393 10.96 8.12 4.94
C VAL B 393 10.86 7.10 6.06
N PHE B 394 11.93 6.96 6.85
CA PHE B 394 11.98 5.89 7.83
C PHE B 394 11.09 6.17 9.05
N LEU B 395 11.14 7.40 9.57
CA LEU B 395 10.35 7.72 10.76
C LEU B 395 8.84 7.64 10.49
N PRO B 396 8.29 8.29 9.46
CA PRO B 396 6.84 8.17 9.24
C PRO B 396 6.39 6.78 8.84
N LEU B 397 7.14 6.11 7.97
CA LEU B 397 6.78 4.73 7.61
C LEU B 397 6.84 3.82 8.84
N GLY B 398 7.86 4.01 9.68
CA GLY B 398 7.87 3.30 10.95
C GLY B 398 6.67 3.66 11.81
N GLY B 399 6.41 4.96 11.96
CA GLY B 399 5.26 5.40 12.73
C GLY B 399 3.95 4.94 12.13
N MET B 400 3.85 4.93 10.80
CA MET B 400 2.64 4.42 10.15
C MET B 400 2.46 2.94 10.43
N ILE B 401 3.53 2.15 10.25
CA ILE B 401 3.47 0.74 10.56
C ILE B 401 3.29 0.52 12.06
N ILE B 402 3.83 1.42 12.89
CA ILE B 402 3.60 1.34 14.33
C ILE B 402 2.14 1.63 14.66
N ALA B 403 1.56 2.66 14.02
CA ALA B 403 0.16 2.97 14.26
C ALA B 403 -0.75 1.88 13.71
N LEU B 404 -0.47 1.41 12.49
CA LEU B 404 -1.25 0.30 11.94
C LEU B 404 -1.14 -0.94 12.81
N PHE B 405 0.03 -1.16 13.41
CA PHE B 405 0.25 -2.34 14.24
C PHE B 405 -0.75 -2.40 15.38
N ILE B 406 -0.72 -1.41 16.28
CA ILE B 406 -1.69 -1.38 17.36
C ILE B 406 -3.10 -1.16 16.82
N GLY B 407 -3.23 -0.36 15.76
CA GLY B 407 -4.55 -0.05 15.23
C GLY B 407 -5.30 -1.27 14.73
N TRP B 408 -4.62 -2.13 13.99
CA TRP B 408 -5.26 -3.30 13.39
C TRP B 408 -4.77 -4.62 13.94
N GLY B 409 -3.47 -4.77 14.18
CA GLY B 409 -2.91 -6.03 14.61
C GLY B 409 -3.01 -6.34 16.08
N TRP B 410 -3.67 -5.50 16.86
CA TRP B 410 -3.86 -5.72 18.29
C TRP B 410 -5.34 -5.85 18.61
N LYS B 411 -5.63 -6.50 19.73
CA LYS B 411 -6.98 -6.57 20.26
C LYS B 411 -7.33 -5.26 20.94
N THR B 412 -8.57 -4.82 20.76
CA THR B 412 -8.98 -3.53 21.32
C THR B 412 -8.93 -3.53 22.84
N SER B 413 -9.28 -4.66 23.47
CA SER B 413 -9.29 -4.72 24.92
C SER B 413 -7.88 -4.73 25.49
N ASP B 414 -6.96 -5.45 24.84
CA ASP B 414 -5.59 -5.53 25.34
C ASP B 414 -4.79 -4.27 25.03
N ALA B 415 -5.05 -3.62 23.89
CA ALA B 415 -4.34 -2.40 23.56
C ALA B 415 -4.63 -1.30 24.57
N LEU B 416 -5.89 -1.19 25.00
CA LEU B 416 -6.24 -0.20 26.00
C LEU B 416 -5.59 -0.53 27.34
N ALA B 417 -5.62 -1.80 27.74
CA ALA B 417 -5.13 -2.18 29.06
C ALA B 417 -3.63 -1.89 29.20
N GLU B 418 -2.83 -2.34 28.23
CA GLU B 418 -1.39 -2.15 28.32
C GLU B 418 -0.98 -0.69 28.18
N SER B 419 -1.86 0.16 27.66
CA SER B 419 -1.60 1.58 27.54
C SER B 419 -2.16 2.37 28.72
N ASP B 420 -2.61 1.69 29.77
CA ASP B 420 -3.18 2.31 30.97
C ASP B 420 -4.44 3.12 30.69
N LEU B 421 -5.06 2.88 29.53
CA LEU B 421 -6.34 3.49 29.19
C LEU B 421 -7.45 2.47 29.43
N THR B 422 -8.41 2.82 30.28
CA THR B 422 -9.51 1.91 30.61
C THR B 422 -10.82 2.69 30.59
N ASP B 423 -11.67 2.38 29.61
CA ASP B 423 -13.01 2.97 29.52
C ASP B 423 -12.96 4.50 29.53
N SER B 424 -12.14 5.05 28.65
CA SER B 424 -12.00 6.49 28.51
C SER B 424 -12.32 6.90 27.09
N VAL B 425 -12.92 8.09 26.95
CA VAL B 425 -13.22 8.61 25.62
C VAL B 425 -11.94 8.84 24.84
N TRP B 426 -10.84 9.19 25.54
CA TRP B 426 -9.56 9.34 24.86
C TRP B 426 -9.04 8.00 24.36
N GLY B 427 -9.39 6.90 25.05
CA GLY B 427 -8.97 5.59 24.57
C GLY B 427 -9.60 5.23 23.25
N LYS B 428 -10.83 5.69 23.00
CA LYS B 428 -11.48 5.42 21.72
C LYS B 428 -10.93 6.31 20.61
N LEU B 429 -10.71 7.59 20.90
CA LEU B 429 -10.10 8.47 19.91
C LEU B 429 -8.69 8.01 19.56
N TRP B 430 -7.96 7.47 20.53
CA TRP B 430 -6.61 6.98 20.28
C TRP B 430 -6.61 5.77 19.35
N ILE B 431 -7.57 4.87 19.54
CA ILE B 431 -7.71 3.75 18.61
C ILE B 431 -8.13 4.27 17.23
N LEU B 432 -9.09 5.19 17.20
CA LEU B 432 -9.51 5.79 15.93
C LEU B 432 -8.34 6.47 15.24
N SER B 433 -7.49 7.16 16.01
CA SER B 433 -6.30 7.77 15.44
C SER B 433 -5.37 6.72 14.85
N LEU B 434 -5.01 5.71 15.64
CA LEU B 434 -4.04 4.72 15.20
C LEU B 434 -4.58 3.85 14.07
N ARG B 435 -5.90 3.65 14.03
CA ARG B 435 -6.49 2.74 13.05
C ARG B 435 -6.81 3.42 11.74
N PHE B 436 -7.09 4.72 11.75
CA PHE B 436 -7.44 5.43 10.53
C PHE B 436 -6.68 6.74 10.42
N ILE B 437 -6.81 7.61 11.42
CA ILE B 437 -6.34 8.99 11.29
C ILE B 437 -4.83 9.04 11.14
N ALA B 438 -4.11 8.22 11.91
CA ALA B 438 -2.65 8.23 11.79
C ALA B 438 -2.18 7.57 10.50
N PRO B 439 -2.66 6.38 10.10
CA PRO B 439 -2.16 5.82 8.83
C PRO B 439 -2.61 6.57 7.60
N ILE B 440 -3.87 7.00 7.53
CA ILE B 440 -4.38 7.61 6.31
C ILE B 440 -3.72 8.97 6.06
N ALA B 441 -3.55 9.77 7.12
CA ALA B 441 -2.93 11.07 6.95
C ALA B 441 -1.48 10.93 6.49
N ILE B 442 -0.72 10.04 7.13
CA ILE B 442 0.67 9.83 6.73
C ILE B 442 0.74 9.27 5.32
N LEU B 443 -0.16 8.35 4.98
CA LEU B 443 -0.17 7.79 3.63
C LEU B 443 -0.48 8.87 2.59
N ILE B 444 -1.48 9.71 2.86
CA ILE B 444 -1.87 10.74 1.90
C ILE B 444 -0.73 11.73 1.68
N VAL B 445 -0.06 12.14 2.77
CA VAL B 445 1.07 13.05 2.64
C VAL B 445 2.14 12.46 1.73
N PHE B 446 2.40 11.16 1.86
CA PHE B 446 3.42 10.52 1.05
C PHE B 446 3.01 10.38 -0.41
N LEU B 447 1.70 10.20 -0.67
CA LEU B 447 1.25 9.97 -2.04
C LEU B 447 1.47 11.20 -2.92
N SER B 448 1.20 12.39 -2.37
CA SER B 448 1.26 13.63 -3.14
C SER B 448 2.60 14.35 -3.05
N ALA B 449 3.46 14.00 -2.09
CA ALA B 449 4.76 14.64 -1.97
C ALA B 449 5.82 14.01 -2.85
N PHE B 450 5.63 12.76 -3.27
CA PHE B 450 6.55 12.07 -4.17
C PHE B 450 5.93 11.98 -5.55
N GLN B 451 6.69 12.36 -6.58
CA GLN B 451 6.19 12.30 -7.94
C GLN B 451 6.24 10.90 -8.53
N ILE B 452 6.90 9.96 -7.85
CA ILE B 452 6.99 8.61 -8.39
C ILE B 452 5.73 7.80 -8.11
N PHE B 453 5.02 8.13 -7.04
CA PHE B 453 3.86 7.31 -6.65
C PHE B 453 2.64 7.65 -7.49
N PHE B 454 2.25 8.93 -7.55
CA PHE B 454 1.08 9.34 -8.30
C PHE B 454 1.44 9.62 -9.75
N ASN B 455 2.24 10.67 -9.97
CA ASN B 455 2.61 11.12 -11.32
C ASN B 455 1.35 11.28 -12.19
#